data_9CPR
#
_entry.id   9CPR
#
_cell.length_a   55.366
_cell.length_b   102.309
_cell.length_c   136.478
_cell.angle_alpha   90.00
_cell.angle_beta   100.41
_cell.angle_gamma   90.00
#
_symmetry.space_group_name_H-M   'P 1 21 1'
#
loop_
_entity.id
_entity.type
_entity.pdbx_description
1 polymer 'Spike protein S1'
2 polymer 'CC12.3 Fab heavy chain'
3 polymer 'CC12.3 Fab light chain'
4 polymer 'M22-90 Fab heavy chain'
5 polymer 'M22-90 Fab light chain'
6 branched 2-acetamido-2-deoxy-beta-D-glucopyranose-(1-6)-2-acetamido-2-deoxy-beta-D-glucopyranose
7 non-polymer 'CITRIC ACID'
8 water water
#
loop_
_entity_poly.entity_id
_entity_poly.type
_entity_poly.pdbx_seq_one_letter_code
_entity_poly.pdbx_strand_id
1 'polypeptide(L)'
;TNLCPFGEVFNATRFASVYAWNRKRISNCVADYSVLYNSASFSTFKCYGVSPTKLNDLCFTNVYADSFVIRGDEVRQIAP
GQTGKIADYNYKLPDDFTGCVIAWNSNNLDSKVGGNYNYLYRLFRKSNLKPFERDISTEIYQAGSTPCNGVEGFNCYFPL
QSYGFQPTNGVGYQPYRVVVLSFELLHAPATVCGPKKSGHHHHHH
;
A
2 'polypeptide(L)'
;QVQLVESGGGLIQPGGSLRLSCAASGFTVSSNYMSWVRQAPGKGLEWVSVIYSGGSTFYADSVKGRFTISRDNSKSTLYL
QMNSLRVEDTAVYYCARDFGDFYFDYWGQGTLVTVSSASTKGPSVFPLAPSSKSTSGGTAALGCLVKDYFPEPVTVSWNS
GALTSGVHTFPAVLQSSGLYSLSSVVTVPSSSLGTQTYICNVNHKPSNTKVDKKVEPKSC
;
F
3 'polypeptide(L)'
;EIVLTQSPGTLSLSPGERATLSCRASQSVSSYLAWYQQKPGQAPRLLIYGASSRATGIPDRFSGSGSGTDFTLTISRLEP
EDFAVYYCQQYGSSPRTFGQGTKLEIKRTVAAPSVFIFPPSDEQLKSGTASVVCLLNNFYPREAKVQWKVDNALQSGNSQ
ESVTEQDSKDSTYSLSSTLTLSKADYEKHKVYACEVTHQGLSSPVTKSFNRGEC
;
G
4 'polypeptide(L)'
;QMQLVQSGTEVKKPGESLKISCKGSGYGIITYWIGWVRQMPGKGLEWMGIIYPGDSETRYSPSFQGQVTISADKSINTAY
LQWSSLKASDTAIYYCAGSSGISTPMDVWGQGTTVTVSSASTKGPSVFPLAPSSKSTSGGTAALGCLVKDYFPEPVTVSW
NSGALTSGVHTFPAVLQSSGLYSLSSVVTVPSSSLGTQTYICNVNHKPSNTKVDKKVEPKSC
;
H
5 'polypeptide(L)'
;DIQLTQSPDSLAVSLGERATINCKSSQTLLYSSINKNYLAWYQQKPGQPPKLLIYWTSTRESGVPDRFSGSGSGTDFTLT
ISSLQAEDVAVYYCQQYYSTPYTFGQGTKVEIKRTVAAPSVFIFPPSDEQLKSGTASVVCLLNNFYPREAKVQWKVDNAL
QSGNSQESVTEQDSKDSTYSLSSTLTLSKADYEKHKVYACEVTHQGLSSPVTKSFNRGEC
;
L
#
# COMPACT_ATOMS: atom_id res chain seq x y z
N ASN A 2 -22.59 -27.70 34.36
CA ASN A 2 -23.47 -27.17 33.33
C ASN A 2 -22.73 -26.15 32.47
N LEU A 3 -21.54 -26.53 32.00
CA LEU A 3 -20.71 -25.65 31.21
C LEU A 3 -20.97 -25.86 29.72
N CYS A 4 -20.67 -24.82 28.94
CA CYS A 4 -20.85 -24.90 27.50
C CYS A 4 -19.78 -25.79 26.88
N PRO A 5 -20.12 -26.55 25.83
CA PRO A 5 -19.18 -27.54 25.27
C PRO A 5 -18.22 -26.94 24.25
N PHE A 6 -17.40 -25.98 24.70
CA PHE A 6 -16.39 -25.41 23.81
C PHE A 6 -15.32 -26.42 23.45
N GLY A 7 -14.99 -27.33 24.36
CA GLY A 7 -13.99 -28.34 24.07
C GLY A 7 -14.43 -29.33 23.00
N GLU A 8 -15.74 -29.54 22.86
CA GLU A 8 -16.25 -30.41 21.81
C GLU A 8 -15.98 -29.83 20.42
N VAL A 9 -15.84 -28.51 20.33
CA VAL A 9 -15.64 -27.85 19.04
C VAL A 9 -14.17 -27.62 18.74
N PHE A 10 -13.44 -27.00 19.68
CA PHE A 10 -12.03 -26.71 19.45
C PHE A 10 -11.19 -27.98 19.42
N ASN A 11 -11.45 -28.91 20.35
CA ASN A 11 -10.67 -30.14 20.46
C ASN A 11 -11.36 -31.33 19.80
N ALA A 12 -12.26 -31.08 18.86
CA ALA A 12 -12.86 -32.17 18.10
C ALA A 12 -11.78 -32.91 17.31
N THR A 13 -11.93 -34.23 17.20
CA THR A 13 -10.95 -35.03 16.48
C THR A 13 -10.91 -34.64 15.01
N ARG A 14 -12.06 -34.40 14.40
CA ARG A 14 -12.15 -34.14 12.97
C ARG A 14 -12.95 -32.88 12.72
N PHE A 15 -12.50 -32.07 11.76
CA PHE A 15 -13.20 -30.88 11.33
C PHE A 15 -13.80 -31.10 9.95
N ALA A 16 -14.84 -30.33 9.65
CA ALA A 16 -15.50 -30.46 8.36
C ALA A 16 -14.80 -29.61 7.31
N SER A 17 -15.08 -29.92 6.05
CA SER A 17 -14.58 -29.11 4.95
C SER A 17 -15.26 -27.75 4.95
N VAL A 18 -14.58 -26.76 4.36
CA VAL A 18 -15.06 -25.38 4.43
C VAL A 18 -16.39 -25.24 3.70
N TYR A 19 -16.56 -25.95 2.58
CA TYR A 19 -17.82 -25.85 1.84
C TYR A 19 -18.99 -26.44 2.62
N ALA A 20 -18.72 -27.37 3.54
CA ALA A 20 -19.76 -27.97 4.36
C ALA A 20 -19.49 -27.69 5.83
N TRP A 21 -19.18 -26.44 6.14
CA TRP A 21 -18.78 -26.05 7.49
C TRP A 21 -19.85 -26.41 8.52
N ASN A 22 -19.43 -27.01 9.62
CA ASN A 22 -20.33 -27.36 10.71
C ASN A 22 -20.63 -26.15 11.57
N ARG A 23 -21.80 -26.17 12.20
CA ARG A 23 -22.22 -25.13 13.13
C ARG A 23 -22.86 -25.77 14.34
N LYS A 24 -22.40 -25.40 15.53
CA LYS A 24 -22.91 -25.95 16.79
C LYS A 24 -23.65 -24.85 17.55
N ARG A 25 -24.90 -25.13 17.90
CA ARG A 25 -25.70 -24.18 18.67
C ARG A 25 -25.38 -24.32 20.15
N ILE A 26 -25.12 -23.20 20.80
CA ILE A 26 -24.72 -23.15 22.20
C ILE A 26 -25.74 -22.33 22.96
N SER A 27 -26.40 -22.94 23.93
CA SER A 27 -27.45 -22.27 24.69
C SER A 27 -27.65 -22.98 26.02
N ASN A 28 -28.29 -22.27 26.94
CA ASN A 28 -28.65 -22.81 28.26
C ASN A 28 -27.43 -23.37 28.99
N CYS A 29 -26.35 -22.60 28.99
CA CYS A 29 -25.11 -23.03 29.62
C CYS A 29 -24.27 -21.81 29.99
N VAL A 30 -23.28 -22.05 30.85
CA VAL A 30 -22.30 -21.05 31.23
C VAL A 30 -20.95 -21.47 30.64
N ALA A 31 -20.13 -20.48 30.31
CA ALA A 31 -18.85 -20.74 29.65
C ALA A 31 -17.75 -19.93 30.29
N ASP A 32 -16.53 -20.47 30.23
CA ASP A 32 -15.32 -19.79 30.69
C ASP A 32 -14.47 -19.49 29.47
N TYR A 33 -14.44 -18.23 29.05
CA TYR A 33 -13.68 -17.83 27.87
C TYR A 33 -12.20 -17.66 28.15
N SER A 34 -11.77 -17.73 29.42
CA SER A 34 -10.36 -17.57 29.75
C SER A 34 -9.50 -18.71 29.21
N VAL A 35 -10.12 -19.86 28.90
CA VAL A 35 -9.38 -20.92 28.22
C VAL A 35 -8.93 -20.46 26.84
N LEU A 36 -9.59 -19.45 26.28
CA LEU A 36 -9.16 -18.77 25.08
C LEU A 36 -8.53 -17.44 25.46
N TYR A 37 -7.87 -16.82 24.49
CA TYR A 37 -7.20 -15.52 24.59
C TYR A 37 -6.14 -15.50 25.68
N ASN A 38 -5.95 -16.65 26.35
CA ASN A 38 -4.81 -16.89 27.21
C ASN A 38 -3.92 -18.02 26.70
N SER A 39 -4.47 -18.90 25.85
CA SER A 39 -3.68 -19.92 25.19
C SER A 39 -2.76 -19.30 24.15
N ALA A 40 -1.65 -19.99 23.87
CA ALA A 40 -0.68 -19.56 22.88
C ALA A 40 -0.72 -20.41 21.62
N SER A 41 -1.68 -21.34 21.52
CA SER A 41 -1.76 -22.20 20.34
C SER A 41 -2.33 -21.48 19.13
N PHE A 42 -3.16 -20.46 19.34
CA PHE A 42 -3.87 -19.81 18.24
C PHE A 42 -2.93 -18.90 17.46
N SER A 43 -2.83 -19.14 16.15
CA SER A 43 -2.01 -18.28 15.31
C SER A 43 -2.67 -16.93 15.05
N THR A 44 -3.98 -16.93 14.79
CA THR A 44 -4.74 -15.71 14.60
C THR A 44 -5.99 -15.76 15.47
N PHE A 45 -6.22 -14.69 16.23
CA PHE A 45 -7.39 -14.56 17.10
C PHE A 45 -7.94 -13.15 16.87
N LYS A 46 -8.79 -13.01 15.86
CA LYS A 46 -9.32 -11.71 15.45
C LYS A 46 -10.79 -11.63 15.86
N CYS A 47 -11.13 -10.61 16.65
CA CYS A 47 -12.49 -10.38 17.11
C CYS A 47 -13.03 -9.09 16.51
N TYR A 48 -14.29 -9.15 16.07
CA TYR A 48 -14.98 -8.00 15.49
C TYR A 48 -16.23 -7.72 16.31
N GLY A 49 -16.40 -6.46 16.72
CA GLY A 49 -17.61 -6.06 17.41
C GLY A 49 -17.62 -6.38 18.89
N VAL A 50 -17.07 -7.53 19.27
CA VAL A 50 -17.08 -7.98 20.64
C VAL A 50 -15.67 -7.95 21.21
N SER A 51 -15.59 -7.95 22.54
CA SER A 51 -14.33 -7.95 23.26
C SER A 51 -14.11 -9.31 23.91
N PRO A 52 -13.16 -10.12 23.43
CA PRO A 52 -12.93 -11.42 24.08
C PRO A 52 -12.50 -11.31 25.53
N THR A 53 -11.76 -10.26 25.89
CA THR A 53 -11.33 -10.11 27.27
C THR A 53 -12.51 -9.90 28.21
N LYS A 54 -13.47 -9.08 27.81
CA LYS A 54 -14.66 -8.79 28.60
C LYS A 54 -15.76 -9.81 28.40
N LEU A 55 -15.45 -10.97 27.78
CA LEU A 55 -16.48 -11.96 27.48
C LEU A 55 -16.96 -12.71 28.72
N ASN A 56 -16.15 -12.75 29.78
CA ASN A 56 -16.47 -13.57 30.94
C ASN A 56 -17.56 -12.99 31.83
N ASP A 57 -17.97 -11.73 31.62
CA ASP A 57 -19.02 -11.11 32.41
C ASP A 57 -20.08 -10.50 31.51
N LEU A 58 -20.50 -11.27 30.50
CA LEU A 58 -21.55 -10.86 29.58
C LEU A 58 -22.53 -12.01 29.40
N CYS A 59 -23.61 -11.73 28.66
CA CYS A 59 -24.62 -12.73 28.35
C CYS A 59 -25.04 -12.57 26.89
N PHE A 60 -25.49 -13.69 26.31
CA PHE A 60 -25.92 -13.71 24.91
C PHE A 60 -27.09 -14.67 24.77
N THR A 61 -27.84 -14.51 23.67
CA THR A 61 -28.96 -15.39 23.39
C THR A 61 -28.49 -16.67 22.71
N ASN A 62 -27.75 -16.53 21.62
CA ASN A 62 -27.18 -17.67 20.91
C ASN A 62 -25.73 -17.40 20.58
N VAL A 63 -24.90 -18.43 20.73
CA VAL A 63 -23.50 -18.37 20.33
C VAL A 63 -23.26 -19.54 19.38
N TYR A 64 -22.98 -19.24 18.12
CA TYR A 64 -22.77 -20.26 17.11
C TYR A 64 -21.27 -20.50 16.92
N ALA A 65 -20.89 -21.77 16.94
CA ALA A 65 -19.50 -22.17 16.73
C ALA A 65 -19.41 -22.84 15.36
N ASP A 66 -18.84 -22.12 14.39
CA ASP A 66 -18.65 -22.63 13.04
C ASP A 66 -17.23 -23.16 12.90
N SER A 67 -17.10 -24.37 12.35
CA SER A 67 -15.82 -25.05 12.25
C SER A 67 -15.58 -25.51 10.83
N PHE A 68 -14.33 -25.38 10.38
CA PHE A 68 -13.92 -25.84 9.06
C PHE A 68 -12.40 -25.78 8.98
N VAL A 69 -11.87 -26.32 7.88
CA VAL A 69 -10.43 -26.35 7.64
C VAL A 69 -10.15 -25.71 6.28
N ILE A 70 -9.17 -24.80 6.26
CA ILE A 70 -8.74 -24.12 5.04
C ILE A 70 -7.22 -24.04 5.05
N ARG A 71 -6.67 -23.43 4.01
CA ARG A 71 -5.25 -23.16 3.94
C ARG A 71 -4.91 -21.90 4.75
N GLY A 72 -3.63 -21.75 5.07
CA GLY A 72 -3.16 -20.55 5.73
C GLY A 72 -3.34 -19.31 4.86
N ASP A 73 -3.13 -19.48 3.55
CA ASP A 73 -3.32 -18.36 2.62
C ASP A 73 -4.76 -17.86 2.64
N GLU A 74 -5.72 -18.73 2.94
CA GLU A 74 -7.13 -18.39 2.91
C GLU A 74 -7.68 -17.97 4.26
N VAL A 75 -6.84 -17.90 5.29
CA VAL A 75 -7.31 -17.47 6.61
C VAL A 75 -7.74 -16.01 6.57
N ARG A 76 -7.02 -15.19 5.79
CA ARG A 76 -7.39 -13.78 5.68
C ARG A 76 -8.80 -13.60 5.12
N GLN A 77 -9.27 -14.57 4.32
CA GLN A 77 -10.59 -14.44 3.72
C GLN A 77 -11.72 -14.70 4.71
N ILE A 78 -11.41 -15.29 5.87
CA ILE A 78 -12.43 -15.51 6.90
C ILE A 78 -12.46 -14.24 7.73
N ALA A 79 -13.18 -13.25 7.21
CA ALA A 79 -13.25 -11.91 7.78
C ALA A 79 -14.34 -11.12 7.06
N PRO A 80 -15.05 -10.24 7.75
CA PRO A 80 -16.08 -9.44 7.08
C PRO A 80 -15.49 -8.56 5.99
N GLY A 81 -16.22 -8.46 4.87
CA GLY A 81 -15.80 -7.60 3.77
C GLY A 81 -14.70 -8.16 2.90
N GLN A 82 -14.29 -9.42 3.10
CA GLN A 82 -13.23 -10.00 2.32
C GLN A 82 -13.78 -10.70 1.08
N THR A 83 -12.89 -10.92 0.11
CA THR A 83 -13.24 -11.55 -1.14
C THR A 83 -12.21 -12.62 -1.48
N GLY A 84 -12.64 -13.58 -2.28
CA GLY A 84 -11.80 -14.71 -2.63
C GLY A 84 -12.65 -15.95 -2.83
N LYS A 85 -11.97 -17.03 -3.23
CA LYS A 85 -12.69 -18.28 -3.50
C LYS A 85 -13.37 -18.83 -2.25
N ILE A 86 -12.69 -18.76 -1.09
CA ILE A 86 -13.29 -19.25 0.14
C ILE A 86 -14.40 -18.31 0.60
N ALA A 87 -14.15 -17.01 0.57
CA ALA A 87 -15.13 -16.05 1.09
C ALA A 87 -16.39 -16.03 0.24
N ASP A 88 -16.24 -16.11 -1.09
CA ASP A 88 -17.40 -15.98 -1.96
C ASP A 88 -18.17 -17.28 -2.10
N TYR A 89 -17.48 -18.42 -2.13
CA TYR A 89 -18.10 -19.68 -2.51
C TYR A 89 -18.20 -20.70 -1.39
N ASN A 90 -17.49 -20.51 -0.28
CA ASN A 90 -17.48 -21.49 0.79
C ASN A 90 -18.02 -20.96 2.11
N TYR A 91 -17.48 -19.84 2.60
CA TYR A 91 -17.88 -19.32 3.90
C TYR A 91 -17.80 -17.79 3.86
N LYS A 92 -18.95 -17.14 4.01
CA LYS A 92 -19.05 -15.68 3.95
C LYS A 92 -19.57 -15.15 5.27
N LEU A 93 -18.92 -14.10 5.78
CA LEU A 93 -19.33 -13.41 7.00
C LEU A 93 -20.04 -12.10 6.67
N PRO A 94 -21.05 -11.74 7.44
CA PRO A 94 -21.75 -10.47 7.19
C PRO A 94 -20.86 -9.28 7.52
N ASP A 95 -21.18 -8.15 6.89
CA ASP A 95 -20.41 -6.92 7.11
C ASP A 95 -20.59 -6.39 8.54
N ASP A 96 -21.67 -6.78 9.22
CA ASP A 96 -21.90 -6.39 10.61
C ASP A 96 -21.69 -7.58 11.55
N PHE A 97 -20.71 -8.43 11.22
CA PHE A 97 -20.44 -9.62 12.02
C PHE A 97 -19.88 -9.23 13.38
N THR A 98 -20.48 -9.77 14.44
CA THR A 98 -20.06 -9.52 15.81
C THR A 98 -19.61 -10.85 16.41
N GLY A 99 -18.30 -11.04 16.50
CA GLY A 99 -17.76 -12.28 17.02
C GLY A 99 -16.27 -12.34 16.80
N CYS A 100 -15.74 -13.56 16.84
CA CYS A 100 -14.31 -13.79 16.71
C CYS A 100 -14.03 -14.91 15.71
N VAL A 101 -12.92 -14.79 14.99
CA VAL A 101 -12.40 -15.85 14.15
C VAL A 101 -11.09 -16.33 14.77
N ILE A 102 -11.04 -17.62 15.11
CA ILE A 102 -9.89 -18.20 15.77
C ILE A 102 -9.34 -19.31 14.88
N ALA A 103 -8.04 -19.23 14.59
CA ALA A 103 -7.39 -20.17 13.69
C ALA A 103 -6.06 -20.61 14.27
N TRP A 104 -5.63 -21.80 13.86
CA TRP A 104 -4.36 -22.35 14.30
C TRP A 104 -3.89 -23.37 13.26
N ASN A 105 -2.59 -23.69 13.33
CA ASN A 105 -2.00 -24.62 12.38
C ASN A 105 -2.30 -26.06 12.80
N SER A 106 -2.77 -26.86 11.85
CA SER A 106 -3.09 -28.27 12.09
C SER A 106 -2.39 -29.16 11.06
N ASN A 107 -1.12 -28.86 10.78
CA ASN A 107 -0.34 -29.69 9.87
C ASN A 107 -0.16 -31.10 10.43
N ASN A 108 0.05 -31.21 11.74
CA ASN A 108 0.25 -32.52 12.35
C ASN A 108 -1.02 -33.37 12.33
N LEU A 109 -2.19 -32.73 12.30
CA LEU A 109 -3.46 -33.45 12.41
C LEU A 109 -4.04 -33.80 11.05
N ASP A 110 -4.31 -32.79 10.23
CA ASP A 110 -5.09 -32.96 9.01
C ASP A 110 -4.24 -33.31 7.79
N SER A 111 -2.93 -33.15 7.85
CA SER A 111 -2.08 -33.31 6.67
C SER A 111 -1.52 -34.73 6.64
N LYS A 112 -2.00 -35.53 5.68
CA LYS A 112 -1.55 -36.89 5.50
C LYS A 112 -0.43 -36.95 4.46
N VAL A 113 0.40 -37.99 4.57
CA VAL A 113 1.39 -38.24 3.54
C VAL A 113 0.68 -38.73 2.28
N GLY A 114 0.99 -38.09 1.14
CA GLY A 114 0.34 -38.41 -0.10
C GLY A 114 -0.94 -37.65 -0.38
N GLY A 115 -1.40 -36.82 0.56
CA GLY A 115 -2.59 -36.02 0.35
C GLY A 115 -3.78 -36.49 1.16
N ASN A 116 -4.39 -35.57 1.91
CA ASN A 116 -5.55 -35.92 2.72
C ASN A 116 -6.73 -36.30 1.84
N TYR A 117 -7.04 -35.45 0.84
CA TYR A 117 -8.12 -35.67 -0.12
C TYR A 117 -9.50 -35.73 0.54
N ASN A 118 -9.56 -35.50 1.85
CA ASN A 118 -10.82 -35.50 2.58
C ASN A 118 -11.35 -34.10 2.85
N TYR A 119 -10.52 -33.08 2.70
CA TYR A 119 -10.95 -31.69 2.84
C TYR A 119 -11.14 -31.09 1.45
N LEU A 120 -12.33 -30.55 1.19
CA LEU A 120 -12.69 -30.03 -0.10
C LEU A 120 -13.14 -28.58 0.02
N TYR A 121 -13.00 -27.83 -1.08
CA TYR A 121 -13.50 -26.47 -1.16
C TYR A 121 -14.24 -26.29 -2.49
N ARG A 122 -15.18 -25.37 -2.50
CA ARG A 122 -15.96 -25.09 -3.70
C ARG A 122 -15.14 -24.22 -4.64
N LEU A 123 -14.95 -24.68 -5.87
CA LEU A 123 -14.13 -23.99 -6.86
C LEU A 123 -14.95 -23.19 -7.86
N PHE A 124 -16.09 -23.72 -8.30
CA PHE A 124 -16.94 -23.05 -9.28
C PHE A 124 -18.31 -22.79 -8.67
N ARG A 125 -18.76 -21.54 -8.77
CA ARG A 125 -20.13 -21.18 -8.39
C ARG A 125 -20.53 -19.95 -9.20
N LYS A 126 -21.78 -19.93 -9.64
CA LYS A 126 -22.24 -18.87 -10.54
C LYS A 126 -22.45 -17.55 -9.82
N SER A 127 -22.76 -17.59 -8.52
CA SER A 127 -22.94 -16.37 -7.74
C SER A 127 -22.32 -16.56 -6.36
N ASN A 128 -21.96 -15.43 -5.73
CA ASN A 128 -21.35 -15.47 -4.42
C ASN A 128 -22.38 -15.87 -3.35
N LEU A 129 -21.86 -16.33 -2.22
CA LEU A 129 -22.70 -16.77 -1.12
C LEU A 129 -23.23 -15.58 -0.33
N LYS A 130 -24.48 -15.70 0.14
CA LYS A 130 -25.01 -14.79 1.13
C LYS A 130 -24.34 -15.06 2.47
N PRO A 131 -24.37 -14.11 3.40
CA PRO A 131 -23.74 -14.33 4.70
C PRO A 131 -24.30 -15.57 5.39
N PHE A 132 -23.40 -16.33 6.01
CA PHE A 132 -23.76 -17.55 6.75
C PHE A 132 -24.55 -18.53 5.89
N GLU A 133 -24.12 -18.72 4.65
CA GLU A 133 -24.75 -19.66 3.74
C GLU A 133 -23.84 -20.86 3.51
N ARG A 134 -24.45 -22.04 3.38
CA ARG A 134 -23.74 -23.29 3.18
C ARG A 134 -24.29 -23.99 1.95
N ASP A 135 -23.45 -24.14 0.92
CA ASP A 135 -23.81 -24.82 -0.31
C ASP A 135 -23.06 -26.15 -0.34
N ILE A 136 -23.81 -27.24 -0.23
CA ILE A 136 -23.22 -28.58 -0.18
C ILE A 136 -23.62 -29.34 -1.44
N SER A 137 -23.90 -28.61 -2.51
CA SER A 137 -24.24 -29.23 -3.79
C SER A 137 -23.01 -29.82 -4.46
N THR A 138 -23.20 -30.98 -5.08
CA THR A 138 -22.17 -31.60 -5.92
C THR A 138 -22.62 -31.66 -7.38
N GLU A 139 -23.61 -30.86 -7.75
CA GLU A 139 -24.08 -30.82 -9.13
C GLU A 139 -22.97 -30.33 -10.05
N ILE A 140 -22.85 -30.95 -11.22
CA ILE A 140 -21.79 -30.59 -12.16
C ILE A 140 -21.98 -29.15 -12.62
N TYR A 141 -20.92 -28.36 -12.53
CA TYR A 141 -20.98 -26.94 -12.85
C TYR A 141 -21.04 -26.76 -14.37
N GLN A 142 -22.13 -26.15 -14.85
CA GLN A 142 -22.34 -25.95 -16.29
C GLN A 142 -21.71 -24.62 -16.69
N ALA A 143 -20.53 -24.69 -17.30
CA ALA A 143 -19.79 -23.50 -17.71
C ALA A 143 -20.18 -23.01 -19.10
N GLY A 144 -21.12 -23.67 -19.76
CA GLY A 144 -21.57 -23.24 -21.08
C GLY A 144 -23.07 -23.32 -21.24
N SER A 145 -23.54 -23.33 -22.48
CA SER A 145 -24.96 -23.51 -22.76
C SER A 145 -25.34 -24.97 -22.97
N THR A 146 -24.37 -25.85 -23.15
CA THR A 146 -24.64 -27.26 -23.33
C THR A 146 -24.97 -27.91 -21.99
N PRO A 147 -26.07 -28.66 -21.89
CA PRO A 147 -26.37 -29.35 -20.63
C PRO A 147 -25.29 -30.37 -20.28
N CYS A 148 -25.08 -30.55 -18.98
CA CYS A 148 -24.04 -31.46 -18.50
C CYS A 148 -24.55 -32.87 -18.24
N ASN A 149 -25.83 -33.01 -17.87
CA ASN A 149 -26.44 -34.32 -17.62
C ASN A 149 -25.70 -35.11 -16.54
N GLY A 150 -25.03 -34.41 -15.63
CA GLY A 150 -24.37 -35.06 -14.52
C GLY A 150 -23.08 -35.77 -14.85
N VAL A 151 -22.50 -35.53 -16.02
CA VAL A 151 -21.23 -36.13 -16.41
C VAL A 151 -20.23 -35.02 -16.69
N GLU A 152 -19.03 -35.13 -16.11
CA GLU A 152 -18.01 -34.11 -16.29
C GLU A 152 -17.47 -34.14 -17.72
N GLY A 153 -17.01 -32.98 -18.17
CA GLY A 153 -16.47 -32.87 -19.52
C GLY A 153 -16.17 -31.43 -19.88
N PHE A 154 -16.30 -31.14 -21.17
CA PHE A 154 -16.09 -29.77 -21.64
C PHE A 154 -17.21 -28.87 -21.11
N ASN A 155 -16.82 -27.75 -20.50
CA ASN A 155 -17.75 -26.82 -19.86
C ASN A 155 -18.58 -27.47 -18.75
N CYS A 156 -18.10 -28.60 -18.21
CA CYS A 156 -18.80 -29.32 -17.17
C CYS A 156 -17.76 -29.84 -16.18
N TYR A 157 -17.61 -29.14 -15.06
CA TYR A 157 -16.60 -29.45 -14.06
C TYR A 157 -17.26 -29.80 -12.73
N PHE A 158 -16.54 -30.58 -11.94
CA PHE A 158 -16.98 -30.87 -10.58
C PHE A 158 -16.79 -29.63 -9.72
N PRO A 159 -17.84 -29.16 -9.02
CA PRO A 159 -17.73 -27.89 -8.31
C PRO A 159 -16.72 -27.89 -7.16
N LEU A 160 -16.35 -29.06 -6.65
CA LEU A 160 -15.49 -29.16 -5.47
C LEU A 160 -14.08 -29.57 -5.87
N GLN A 161 -13.10 -29.13 -5.08
CA GLN A 161 -11.70 -29.44 -5.31
C GLN A 161 -11.06 -29.93 -4.02
N SER A 162 -10.18 -30.91 -4.14
CA SER A 162 -9.49 -31.45 -2.98
C SER A 162 -8.27 -30.60 -2.63
N TYR A 163 -8.07 -30.40 -1.33
CA TYR A 163 -7.01 -29.50 -0.88
C TYR A 163 -5.62 -30.09 -1.04
N GLY A 164 -5.47 -31.42 -1.00
CA GLY A 164 -4.13 -31.97 -0.96
C GLY A 164 -3.68 -32.17 0.47
N PHE A 165 -2.92 -31.21 1.00
CA PHE A 165 -2.47 -31.19 2.39
C PHE A 165 -1.45 -32.31 2.65
N GLN A 166 -0.33 -32.20 1.95
CA GLN A 166 0.84 -33.02 2.22
C GLN A 166 1.72 -32.35 3.26
N PRO A 167 2.30 -33.11 4.19
CA PRO A 167 3.04 -32.47 5.30
C PRO A 167 4.28 -31.71 4.88
N THR A 168 4.83 -31.99 3.69
CA THR A 168 6.07 -31.35 3.26
C THR A 168 5.86 -29.99 2.62
N ASN A 169 4.63 -29.53 2.49
CA ASN A 169 4.35 -28.28 1.82
C ASN A 169 4.75 -27.10 2.71
N GLY A 170 4.71 -25.90 2.13
CA GLY A 170 5.01 -24.70 2.87
C GLY A 170 3.93 -24.36 3.87
N VAL A 171 4.24 -23.38 4.73
CA VAL A 171 3.32 -23.01 5.81
C VAL A 171 2.00 -22.50 5.22
N GLY A 172 2.07 -21.77 4.10
CA GLY A 172 0.85 -21.29 3.49
C GLY A 172 -0.05 -22.41 2.99
N TYR A 173 0.55 -23.48 2.47
CA TYR A 173 -0.21 -24.60 1.94
C TYR A 173 -0.70 -25.56 3.03
N GLN A 174 -0.15 -25.47 4.24
CA GLN A 174 -0.53 -26.39 5.29
C GLN A 174 -1.97 -26.10 5.76
N PRO A 175 -2.70 -27.14 6.17
CA PRO A 175 -4.07 -26.93 6.64
C PRO A 175 -4.11 -26.11 7.92
N TYR A 176 -5.17 -25.31 8.05
CA TYR A 176 -5.43 -24.53 9.24
C TYR A 176 -6.85 -24.78 9.71
N ARG A 177 -7.02 -25.11 10.99
CA ARG A 177 -8.33 -25.26 11.58
C ARG A 177 -8.83 -23.90 12.04
N VAL A 178 -10.08 -23.57 11.68
CA VAL A 178 -10.68 -22.29 11.99
C VAL A 178 -11.98 -22.52 12.73
N VAL A 179 -12.17 -21.79 13.84
CA VAL A 179 -13.42 -21.79 14.58
C VAL A 179 -13.94 -20.36 14.61
N VAL A 180 -15.17 -20.17 14.14
CA VAL A 180 -15.79 -18.85 14.08
C VAL A 180 -16.88 -18.80 15.15
N LEU A 181 -16.75 -17.87 16.07
CA LEU A 181 -17.71 -17.66 17.15
C LEU A 181 -18.63 -16.51 16.76
N SER A 182 -19.93 -16.78 16.70
CA SER A 182 -20.93 -15.78 16.35
C SER A 182 -21.74 -15.47 17.61
N PHE A 183 -21.74 -14.21 18.01
CA PHE A 183 -22.44 -13.76 19.21
C PHE A 183 -23.67 -12.95 18.82
N GLU A 184 -24.72 -13.07 19.63
CA GLU A 184 -26.00 -12.46 19.32
C GLU A 184 -26.74 -12.16 20.61
N LEU A 185 -27.12 -10.90 20.81
CA LEU A 185 -27.88 -10.48 21.96
C LEU A 185 -29.13 -9.74 21.49
N LEU A 186 -30.30 -10.18 21.97
CA LEU A 186 -31.57 -9.58 21.58
C LEU A 186 -32.63 -10.03 22.57
N HIS A 187 -33.68 -9.21 22.69
CA HIS A 187 -34.79 -9.46 23.63
C HIS A 187 -34.19 -9.70 25.01
N ALA A 188 -34.61 -10.73 25.75
CA ALA A 188 -33.95 -11.08 27.01
C ALA A 188 -34.16 -12.55 27.38
N PRO A 189 -33.73 -13.51 26.54
CA PRO A 189 -33.79 -14.92 26.97
C PRO A 189 -32.53 -15.36 27.71
N ALA A 190 -31.40 -14.70 27.44
CA ALA A 190 -30.10 -14.97 28.07
C ALA A 190 -29.70 -16.42 27.77
N THR A 191 -29.47 -17.28 28.77
CA THR A 191 -29.13 -18.69 28.66
C THR A 191 -27.68 -18.94 28.23
N VAL A 192 -26.94 -17.89 27.88
CA VAL A 192 -25.51 -18.02 27.56
C VAL A 192 -24.80 -16.87 28.27
N CYS A 193 -24.24 -17.16 29.44
CA CYS A 193 -23.53 -16.16 30.22
C CYS A 193 -22.17 -16.71 30.64
N GLY A 194 -21.29 -15.81 31.05
CA GLY A 194 -20.05 -16.18 31.67
C GLY A 194 -20.22 -16.37 33.16
N PRO A 195 -19.12 -16.64 33.87
CA PRO A 195 -19.18 -16.81 35.32
C PRO A 195 -19.44 -15.49 36.05
N GLN B 1 -16.02 -25.88 -29.98
CA GLN B 1 -15.03 -24.89 -30.39
C GLN B 1 -15.06 -23.70 -29.44
N VAL B 2 -13.88 -23.12 -29.19
CA VAL B 2 -13.74 -21.94 -28.34
C VAL B 2 -12.99 -20.88 -29.12
N GLN B 3 -13.57 -19.69 -29.23
CA GLN B 3 -12.96 -18.57 -29.93
C GLN B 3 -12.81 -17.39 -28.98
N LEU B 4 -11.65 -16.76 -29.01
CA LEU B 4 -11.39 -15.53 -28.26
C LEU B 4 -10.76 -14.53 -29.23
N VAL B 5 -11.50 -13.49 -29.59
CA VAL B 5 -11.05 -12.47 -30.52
C VAL B 5 -11.02 -11.13 -29.80
N GLU B 6 -9.88 -10.46 -29.85
CA GLU B 6 -9.63 -9.24 -29.09
C GLU B 6 -9.62 -8.02 -29.99
N SER B 7 -9.75 -6.85 -29.36
CA SER B 7 -9.80 -5.58 -30.07
C SER B 7 -9.39 -4.47 -29.12
N GLY B 8 -9.13 -3.29 -29.69
CA GLY B 8 -8.85 -2.10 -28.92
C GLY B 8 -7.41 -1.67 -28.87
N GLY B 9 -6.48 -2.53 -29.28
CA GLY B 9 -5.07 -2.16 -29.22
C GLY B 9 -4.69 -1.08 -30.19
N GLY B 10 -3.57 -0.43 -29.91
CA GLY B 10 -3.11 0.66 -30.76
C GLY B 10 -2.02 1.47 -30.09
N LEU B 11 -1.97 2.75 -30.45
CA LEU B 11 -1.01 3.70 -29.88
C LEU B 11 -1.75 4.71 -29.03
N ILE B 12 -1.24 4.93 -27.82
CA ILE B 12 -1.85 5.85 -26.86
C ILE B 12 -0.74 6.57 -26.11
N GLN B 13 -0.94 7.87 -25.86
CA GLN B 13 0.04 8.67 -25.15
C GLN B 13 0.03 8.32 -23.66
N PRO B 14 1.15 8.53 -22.96
CA PRO B 14 1.19 8.24 -21.53
C PRO B 14 0.14 9.03 -20.77
N GLY B 15 -0.48 8.37 -19.79
CA GLY B 15 -1.59 8.94 -19.05
C GLY B 15 -2.93 8.80 -19.73
N GLY B 16 -2.96 8.46 -21.01
CA GLY B 16 -4.22 8.28 -21.71
C GLY B 16 -4.87 6.94 -21.37
N SER B 17 -6.16 6.88 -21.64
CA SER B 17 -6.95 5.67 -21.40
C SER B 17 -7.08 4.85 -22.66
N LEU B 18 -7.41 3.57 -22.48
CA LEU B 18 -7.60 2.65 -23.60
C LEU B 18 -8.38 1.45 -23.09
N ARG B 19 -9.37 1.03 -23.86
CA ARG B 19 -10.22 -0.09 -23.49
C ARG B 19 -10.00 -1.25 -24.45
N LEU B 20 -9.92 -2.45 -23.90
CA LEU B 20 -9.72 -3.66 -24.68
C LEU B 20 -10.96 -4.53 -24.63
N SER B 21 -11.32 -5.12 -25.76
CA SER B 21 -12.49 -5.98 -25.87
C SER B 21 -12.02 -7.40 -26.20
N CYS B 22 -12.84 -8.38 -25.81
CA CYS B 22 -12.54 -9.79 -26.06
C CYS B 22 -13.85 -10.52 -26.29
N ALA B 23 -14.23 -10.69 -27.56
CA ALA B 23 -15.43 -11.43 -27.90
C ALA B 23 -15.18 -12.92 -27.73
N ALA B 24 -16.05 -13.59 -26.98
CA ALA B 24 -15.87 -14.99 -26.63
C ALA B 24 -16.97 -15.84 -27.25
N SER B 25 -16.62 -17.09 -27.53
CA SER B 25 -17.57 -18.05 -28.11
C SER B 25 -17.20 -19.44 -27.64
N GLY B 26 -18.21 -20.28 -27.39
CA GLY B 26 -18.01 -21.64 -26.94
C GLY B 26 -18.23 -21.86 -25.46
N PHE B 27 -18.49 -20.81 -24.69
CA PHE B 27 -18.78 -20.93 -23.27
C PHE B 27 -19.50 -19.67 -22.82
N THR B 28 -20.03 -19.72 -21.60
CA THR B 28 -20.70 -18.58 -21.00
C THR B 28 -19.70 -17.80 -20.17
N VAL B 29 -19.49 -16.53 -20.52
CA VAL B 29 -18.51 -15.70 -19.83
C VAL B 29 -18.92 -15.40 -18.39
N SER B 30 -20.22 -15.43 -18.10
CA SER B 30 -20.68 -15.17 -16.74
C SER B 30 -20.44 -16.34 -15.80
N SER B 31 -20.05 -17.50 -16.30
CA SER B 31 -19.87 -18.69 -15.48
C SER B 31 -18.42 -19.14 -15.39
N ASN B 32 -17.49 -18.46 -16.06
CA ASN B 32 -16.10 -18.89 -16.12
C ASN B 32 -15.17 -17.80 -15.59
N TYR B 33 -14.07 -18.24 -14.99
CA TYR B 33 -12.98 -17.33 -14.67
C TYR B 33 -12.32 -16.85 -15.95
N MET B 34 -12.05 -15.55 -16.04
CA MET B 34 -11.40 -14.98 -17.20
C MET B 34 -10.28 -14.05 -16.76
N SER B 35 -9.16 -14.09 -17.49
CA SER B 35 -7.97 -13.35 -17.12
C SER B 35 -7.41 -12.61 -18.33
N TRP B 36 -6.66 -11.55 -18.04
CA TRP B 36 -5.85 -10.85 -19.03
C TRP B 36 -4.38 -11.10 -18.72
N VAL B 37 -3.62 -11.49 -19.74
CA VAL B 37 -2.18 -11.72 -19.61
C VAL B 37 -1.48 -10.90 -20.68
N ARG B 38 -0.52 -10.08 -20.28
CA ARG B 38 0.23 -9.25 -21.20
C ARG B 38 1.64 -9.78 -21.36
N GLN B 39 2.29 -9.38 -22.44
CA GLN B 39 3.64 -9.82 -22.78
C GLN B 39 4.38 -8.65 -23.40
N ALA B 40 5.37 -8.12 -22.68
CA ALA B 40 6.16 -7.03 -23.22
C ALA B 40 6.97 -7.51 -24.43
N PRO B 41 7.20 -6.64 -25.40
CA PRO B 41 7.92 -7.06 -26.63
C PRO B 41 9.29 -7.63 -26.30
N GLY B 42 9.48 -8.90 -26.66
CA GLY B 42 10.71 -9.60 -26.38
C GLY B 42 10.89 -10.07 -24.96
N LYS B 43 9.85 -9.95 -24.12
CA LYS B 43 9.92 -10.34 -22.72
C LYS B 43 9.03 -11.56 -22.47
N GLY B 44 8.93 -11.94 -21.20
CA GLY B 44 8.11 -13.06 -20.79
C GLY B 44 6.67 -12.66 -20.55
N LEU B 45 5.91 -13.61 -20.03
CA LEU B 45 4.49 -13.42 -19.76
C LEU B 45 4.28 -12.84 -18.36
N GLU B 46 3.22 -12.05 -18.23
CA GLU B 46 2.89 -11.40 -16.96
C GLU B 46 1.39 -11.35 -16.80
N TRP B 47 0.88 -11.96 -15.73
CA TRP B 47 -0.54 -11.88 -15.43
C TRP B 47 -0.93 -10.48 -14.98
N VAL B 48 -2.10 -10.03 -15.41
CA VAL B 48 -2.58 -8.67 -15.14
C VAL B 48 -3.79 -8.67 -14.21
N SER B 49 -4.90 -9.28 -14.65
CA SER B 49 -6.14 -9.22 -13.88
C SER B 49 -6.98 -10.45 -14.19
N VAL B 50 -7.86 -10.78 -13.24
CA VAL B 50 -8.76 -11.91 -13.37
C VAL B 50 -10.12 -11.52 -12.80
N ILE B 51 -11.19 -12.02 -13.41
CA ILE B 51 -12.54 -11.85 -12.89
C ILE B 51 -13.11 -13.25 -12.61
N TYR B 52 -13.60 -13.45 -11.39
CA TYR B 52 -14.14 -14.74 -11.01
C TYR B 52 -15.50 -14.96 -11.65
N SER B 53 -15.94 -16.23 -11.64
CA SER B 53 -17.27 -16.55 -12.12
C SER B 53 -18.35 -15.87 -11.28
N GLY B 54 -18.04 -15.52 -10.04
CA GLY B 54 -18.93 -14.78 -9.17
C GLY B 54 -18.78 -13.27 -9.23
N GLY B 55 -17.96 -12.75 -10.13
CA GLY B 55 -17.79 -11.32 -10.29
C GLY B 55 -16.67 -10.70 -9.49
N SER B 56 -15.98 -11.48 -8.65
CA SER B 56 -14.86 -10.94 -7.89
C SER B 56 -13.73 -10.52 -8.82
N THR B 57 -13.08 -9.41 -8.50
CA THR B 57 -12.05 -8.83 -9.35
C THR B 57 -10.74 -8.76 -8.58
N PHE B 58 -9.65 -9.16 -9.23
CA PHE B 58 -8.32 -9.09 -8.65
C PHE B 58 -7.33 -8.64 -9.71
N TYR B 59 -6.39 -7.79 -9.31
CA TYR B 59 -5.44 -7.17 -10.23
C TYR B 59 -4.02 -7.30 -9.70
N ALA B 60 -3.06 -7.33 -10.61
CA ALA B 60 -1.67 -7.27 -10.22
C ALA B 60 -1.35 -5.90 -9.64
N ASP B 61 -0.32 -5.86 -8.79
CA ASP B 61 0.01 -4.62 -8.09
C ASP B 61 0.46 -3.54 -9.06
N SER B 62 1.23 -3.92 -10.09
CA SER B 62 1.76 -2.94 -11.02
C SER B 62 0.68 -2.23 -11.83
N VAL B 63 -0.52 -2.80 -11.89
CA VAL B 63 -1.63 -2.20 -12.63
C VAL B 63 -2.82 -1.89 -11.74
N LYS B 64 -2.76 -2.23 -10.45
CA LYS B 64 -3.89 -2.00 -9.56
C LYS B 64 -4.16 -0.51 -9.41
N GLY B 65 -5.45 -0.17 -9.30
CA GLY B 65 -5.86 1.22 -9.23
C GLY B 65 -5.92 1.93 -10.57
N ARG B 66 -5.45 1.30 -11.64
CA ARG B 66 -5.48 1.87 -12.98
C ARG B 66 -6.30 1.05 -13.96
N PHE B 67 -6.18 -0.28 -13.92
CA PHE B 67 -6.92 -1.14 -14.82
C PHE B 67 -8.19 -1.63 -14.13
N THR B 68 -9.21 -1.92 -14.94
CA THR B 68 -10.50 -2.36 -14.41
C THR B 68 -11.09 -3.38 -15.38
N ILE B 69 -11.02 -4.65 -15.01
CA ILE B 69 -11.57 -5.73 -15.82
C ILE B 69 -13.07 -5.81 -15.59
N SER B 70 -13.82 -6.10 -16.66
CA SER B 70 -15.27 -6.20 -16.58
C SER B 70 -15.76 -7.13 -17.66
N ARG B 71 -17.02 -7.55 -17.52
CA ARG B 71 -17.64 -8.50 -18.44
C ARG B 71 -19.03 -8.00 -18.83
N ASP B 72 -19.48 -8.43 -20.01
CA ASP B 72 -20.83 -8.15 -20.50
C ASP B 72 -21.42 -9.46 -20.98
N ASN B 73 -22.36 -10.01 -20.20
CA ASN B 73 -22.96 -11.30 -20.56
C ASN B 73 -23.81 -11.18 -21.81
N SER B 74 -24.50 -10.05 -21.98
CA SER B 74 -25.39 -9.88 -23.13
C SER B 74 -24.62 -9.97 -24.45
N LYS B 75 -23.46 -9.32 -24.52
CA LYS B 75 -22.64 -9.33 -25.72
C LYS B 75 -21.57 -10.41 -25.72
N SER B 76 -21.39 -11.12 -24.60
CA SER B 76 -20.36 -12.14 -24.46
C SER B 76 -18.97 -11.56 -24.76
N THR B 77 -18.58 -10.57 -23.97
CA THR B 77 -17.35 -9.84 -24.18
C THR B 77 -16.68 -9.53 -22.84
N LEU B 78 -15.36 -9.66 -22.81
CA LEU B 78 -14.55 -9.33 -21.66
C LEU B 78 -13.83 -8.01 -21.92
N TYR B 79 -13.90 -7.09 -20.96
CA TYR B 79 -13.32 -5.76 -21.11
C TYR B 79 -12.19 -5.56 -20.11
N LEU B 80 -11.23 -4.71 -20.49
CA LEU B 80 -10.13 -4.30 -19.63
C LEU B 80 -9.89 -2.81 -19.89
N GLN B 81 -10.51 -1.97 -19.06
CA GLN B 81 -10.33 -0.51 -19.17
C GLN B 81 -8.99 -0.14 -18.58
N MET B 82 -8.04 0.21 -19.45
CA MET B 82 -6.70 0.62 -19.04
C MET B 82 -6.65 2.14 -18.98
N ASN B 83 -6.48 2.68 -17.78
CA ASN B 83 -6.40 4.11 -17.55
C ASN B 83 -5.04 4.45 -16.95
N SER B 84 -4.66 5.72 -17.09
CA SER B 84 -3.37 6.22 -16.59
C SER B 84 -2.22 5.35 -17.07
N LEU B 85 -2.21 5.08 -18.37
CA LEU B 85 -1.23 4.18 -18.96
C LEU B 85 0.17 4.76 -18.87
N ARG B 86 1.16 3.87 -18.75
CA ARG B 86 2.55 4.23 -18.63
C ARG B 86 3.36 3.57 -19.73
N VAL B 87 4.58 4.06 -19.92
CA VAL B 87 5.47 3.50 -20.96
C VAL B 87 5.75 2.04 -20.68
N GLU B 88 5.82 1.65 -19.41
CA GLU B 88 6.09 0.26 -19.05
C GLU B 88 4.96 -0.68 -19.47
N ASP B 89 3.73 -0.16 -19.57
CA ASP B 89 2.60 -0.99 -19.94
C ASP B 89 2.62 -1.43 -21.40
N THR B 90 3.53 -0.88 -22.20
CA THR B 90 3.63 -1.26 -23.61
C THR B 90 3.88 -2.76 -23.74
N ALA B 91 2.89 -3.47 -24.28
CA ALA B 91 2.95 -4.92 -24.35
C ALA B 91 1.83 -5.41 -25.27
N VAL B 92 1.89 -6.71 -25.59
CA VAL B 92 0.79 -7.39 -26.25
C VAL B 92 -0.09 -8.02 -25.19
N TYR B 93 -1.38 -7.70 -25.21
CA TYR B 93 -2.31 -8.12 -24.18
C TYR B 93 -3.14 -9.29 -24.70
N TYR B 94 -3.09 -10.41 -23.99
CA TYR B 94 -3.82 -11.61 -24.35
C TYR B 94 -5.05 -11.77 -23.46
N CYS B 95 -6.12 -12.26 -24.07
CA CYS B 95 -7.36 -12.58 -23.36
C CYS B 95 -7.47 -14.10 -23.26
N ALA B 96 -7.56 -14.60 -22.03
CA ALA B 96 -7.50 -16.04 -21.80
C ALA B 96 -8.60 -16.47 -20.83
N ARG B 97 -9.29 -17.55 -21.18
CA ARG B 97 -10.20 -18.17 -20.24
C ARG B 97 -9.41 -18.87 -19.15
N ASP B 98 -9.83 -18.67 -17.90
CA ASP B 98 -9.11 -19.15 -16.74
C ASP B 98 -9.89 -20.29 -16.09
N PHE B 99 -9.18 -21.36 -15.74
CA PHE B 99 -9.80 -22.51 -15.07
C PHE B 99 -9.59 -22.36 -13.56
N GLY B 100 -10.59 -21.80 -12.89
CA GLY B 100 -10.57 -21.72 -11.43
C GLY B 100 -9.39 -20.96 -10.86
N ASP B 101 -8.96 -19.90 -11.55
CA ASP B 101 -7.84 -19.07 -11.11
C ASP B 101 -6.55 -19.88 -10.96
N PHE B 102 -6.38 -20.91 -11.78
CA PHE B 102 -5.18 -21.74 -11.76
C PHE B 102 -4.37 -21.63 -13.03
N TYR B 103 -4.97 -21.95 -14.18
CA TYR B 103 -4.24 -21.95 -15.44
C TYR B 103 -5.17 -21.51 -16.56
N PHE B 104 -4.57 -21.06 -17.65
CA PHE B 104 -5.30 -20.51 -18.79
C PHE B 104 -5.30 -21.57 -19.90
N ASP B 105 -6.48 -22.12 -20.17
CA ASP B 105 -6.60 -23.22 -21.13
C ASP B 105 -6.88 -22.75 -22.56
N TYR B 106 -7.48 -21.58 -22.73
CA TYR B 106 -7.74 -21.02 -24.05
C TYR B 106 -7.27 -19.58 -24.09
N TRP B 107 -6.62 -19.20 -25.20
CA TRP B 107 -6.04 -17.88 -25.36
C TRP B 107 -6.58 -17.21 -26.62
N GLY B 108 -6.67 -15.89 -26.57
CA GLY B 108 -7.02 -15.11 -27.75
C GLY B 108 -5.81 -14.86 -28.63
N GLN B 109 -6.07 -14.23 -29.79
CA GLN B 109 -5.00 -13.97 -30.74
C GLN B 109 -4.02 -12.90 -30.24
N GLY B 110 -4.45 -12.06 -29.31
CA GLY B 110 -3.58 -11.03 -28.78
C GLY B 110 -3.67 -9.72 -29.50
N THR B 111 -3.70 -8.62 -28.75
CA THR B 111 -3.71 -7.27 -29.31
C THR B 111 -2.55 -6.48 -28.72
N LEU B 112 -1.94 -5.64 -29.54
CA LEU B 112 -0.74 -4.90 -29.15
C LEU B 112 -1.12 -3.51 -28.67
N VAL B 113 -0.73 -3.20 -27.44
CA VAL B 113 -0.95 -1.88 -26.85
C VAL B 113 0.41 -1.20 -26.74
N THR B 114 0.57 -0.09 -27.43
CA THR B 114 1.81 0.69 -27.41
C THR B 114 1.55 2.02 -26.72
N VAL B 115 2.28 2.28 -25.65
CA VAL B 115 2.16 3.53 -24.89
C VAL B 115 3.44 4.31 -25.09
N SER B 116 3.33 5.47 -25.75
CA SER B 116 4.47 6.31 -26.03
C SER B 116 4.00 7.73 -26.29
N SER B 117 4.89 8.68 -26.07
CA SER B 117 4.64 10.07 -26.41
C SER B 117 5.09 10.42 -27.83
N ALA B 118 5.66 9.46 -28.55
CA ALA B 118 6.00 9.66 -29.95
C ALA B 118 4.75 9.62 -30.82
N SER B 119 4.85 10.24 -31.99
CA SER B 119 3.71 10.38 -32.90
C SER B 119 3.81 9.37 -34.04
N THR B 120 2.64 9.01 -34.57
CA THR B 120 2.58 8.08 -35.70
C THR B 120 3.31 8.66 -36.91
N LYS B 121 4.11 7.84 -37.57
CA LYS B 121 4.83 8.26 -38.77
C LYS B 121 4.86 7.11 -39.77
N GLY B 122 4.59 7.44 -41.03
CA GLY B 122 4.62 6.46 -42.10
C GLY B 122 6.04 6.11 -42.50
N PRO B 123 6.23 4.88 -42.97
CA PRO B 123 7.58 4.42 -43.32
C PRO B 123 8.07 4.99 -44.63
N SER B 124 9.40 5.06 -44.75
CA SER B 124 10.07 5.41 -45.98
C SER B 124 10.75 4.16 -46.55
N VAL B 125 10.51 3.89 -47.83
CA VAL B 125 10.99 2.67 -48.47
C VAL B 125 12.08 3.04 -49.46
N PHE B 126 13.24 2.40 -49.35
CA PHE B 126 14.36 2.61 -50.24
C PHE B 126 14.82 1.27 -50.80
N PRO B 127 15.29 1.25 -52.04
CA PRO B 127 15.66 -0.02 -52.67
C PRO B 127 17.08 -0.46 -52.30
N LEU B 128 17.24 -1.78 -52.22
CA LEU B 128 18.54 -2.42 -52.04
C LEU B 128 18.85 -3.13 -53.35
N ALA B 129 19.45 -2.40 -54.28
CA ALA B 129 19.58 -2.86 -55.65
C ALA B 129 20.62 -3.97 -55.76
N PRO B 130 20.40 -4.94 -56.64
CA PRO B 130 21.41 -5.96 -56.92
C PRO B 130 22.61 -5.36 -57.64
N SER B 131 23.77 -5.98 -57.44
CA SER B 131 25.00 -5.56 -58.09
C SER B 131 25.94 -6.76 -58.15
N SER B 132 27.18 -6.50 -58.56
CA SER B 132 28.20 -7.54 -58.47
C SER B 132 28.51 -7.89 -57.02
N LYS B 133 28.47 -6.87 -56.14
CA LYS B 133 28.62 -7.11 -54.71
C LYS B 133 27.45 -7.89 -54.13
N SER B 134 26.31 -7.92 -54.81
CA SER B 134 25.12 -8.64 -54.37
C SER B 134 24.91 -9.93 -55.16
N THR B 135 25.96 -10.48 -55.76
CA THR B 135 25.86 -11.68 -56.60
C THR B 135 27.06 -12.56 -56.29
N SER B 136 26.87 -13.51 -55.37
CA SER B 136 27.93 -14.43 -54.97
C SER B 136 28.05 -15.63 -55.91
N GLY B 137 27.20 -15.72 -56.93
CA GLY B 137 27.23 -16.84 -57.85
C GLY B 137 26.17 -16.69 -58.93
N GLY B 138 25.43 -17.75 -59.21
CA GLY B 138 24.30 -17.65 -60.10
C GLY B 138 23.07 -17.04 -59.48
N THR B 139 23.12 -16.73 -58.18
CA THR B 139 22.00 -16.15 -57.46
C THR B 139 22.36 -14.74 -57.01
N ALA B 140 21.41 -13.82 -57.15
CA ALA B 140 21.58 -12.43 -56.76
C ALA B 140 20.62 -12.07 -55.65
N ALA B 141 21.04 -11.14 -54.79
CA ALA B 141 20.26 -10.74 -53.62
C ALA B 141 19.78 -9.31 -53.80
N LEU B 142 18.49 -9.09 -53.50
CA LEU B 142 17.91 -7.76 -53.56
C LEU B 142 16.85 -7.66 -52.48
N GLY B 143 16.50 -6.42 -52.12
CA GLY B 143 15.52 -6.24 -51.07
C GLY B 143 15.12 -4.80 -50.93
N CYS B 144 14.37 -4.53 -49.86
CA CYS B 144 13.84 -3.21 -49.57
C CYS B 144 14.21 -2.81 -48.14
N LEU B 145 14.23 -1.50 -47.91
CA LEU B 145 14.56 -0.94 -46.60
C LEU B 145 13.39 -0.09 -46.13
N VAL B 146 12.68 -0.57 -45.13
CA VAL B 146 11.54 0.13 -44.53
C VAL B 146 12.06 0.81 -43.26
N LYS B 147 12.11 2.14 -43.27
CA LYS B 147 12.82 2.89 -42.25
C LYS B 147 11.93 3.98 -41.66
N ASP B 148 12.13 4.23 -40.36
CA ASP B 148 11.56 5.37 -39.65
C ASP B 148 10.03 5.35 -39.70
N TYR B 149 9.46 4.33 -39.07
CA TYR B 149 8.02 4.24 -38.88
C TYR B 149 7.71 3.96 -37.42
N PHE B 150 6.48 4.30 -37.03
CA PHE B 150 5.98 4.10 -35.68
C PHE B 150 4.46 4.28 -35.67
N PRO B 151 3.72 3.39 -35.00
CA PRO B 151 4.17 2.18 -34.31
C PRO B 151 4.09 0.95 -35.21
N GLU B 152 4.33 -0.23 -34.65
CA GLU B 152 4.22 -1.47 -35.39
C GLU B 152 2.74 -1.80 -35.64
N PRO B 153 2.44 -2.68 -36.61
CA PRO B 153 3.34 -3.48 -37.47
C PRO B 153 3.42 -3.02 -38.91
N VAL B 154 4.31 -3.64 -39.68
CA VAL B 154 4.43 -3.42 -41.12
C VAL B 154 4.42 -4.78 -41.80
N THR B 155 3.57 -4.91 -42.81
CA THR B 155 3.50 -6.12 -43.63
C THR B 155 4.17 -5.86 -44.97
N VAL B 156 5.09 -6.74 -45.35
CA VAL B 156 5.87 -6.59 -46.58
C VAL B 156 5.62 -7.80 -47.46
N SER B 157 5.30 -7.55 -48.72
CA SER B 157 5.10 -8.58 -49.73
C SER B 157 6.06 -8.33 -50.89
N TRP B 158 6.10 -9.29 -51.82
CA TRP B 158 6.85 -9.16 -53.05
C TRP B 158 5.96 -9.56 -54.21
N ASN B 159 5.80 -8.65 -55.17
CA ASN B 159 4.93 -8.86 -56.33
C ASN B 159 3.51 -9.22 -55.91
N SER B 160 3.02 -8.54 -54.87
CA SER B 160 1.65 -8.70 -54.38
C SER B 160 1.35 -10.16 -53.99
N GLY B 161 2.32 -10.81 -53.35
CA GLY B 161 2.16 -12.17 -52.92
C GLY B 161 2.58 -13.23 -53.92
N ALA B 162 2.90 -12.84 -55.15
CA ALA B 162 3.36 -13.81 -56.14
C ALA B 162 4.71 -14.40 -55.74
N LEU B 163 5.61 -13.58 -55.22
CA LEU B 163 6.95 -14.00 -54.84
C LEU B 163 6.96 -14.29 -53.35
N THR B 164 7.17 -15.56 -52.98
CA THR B 164 7.25 -15.96 -51.59
C THR B 164 8.40 -16.91 -51.28
N SER B 165 9.09 -17.45 -52.29
CA SER B 165 10.18 -18.39 -52.08
C SER B 165 11.50 -17.65 -51.88
N GLY B 166 12.23 -18.03 -50.84
CA GLY B 166 13.49 -17.36 -50.53
C GLY B 166 13.34 -15.91 -50.14
N VAL B 167 12.32 -15.58 -49.36
CA VAL B 167 12.07 -14.22 -48.89
C VAL B 167 12.32 -14.17 -47.39
N HIS B 168 13.20 -13.26 -46.98
CA HIS B 168 13.53 -13.08 -45.57
C HIS B 168 13.13 -11.66 -45.16
N THR B 169 12.10 -11.56 -44.32
CA THR B 169 11.66 -10.29 -43.76
C THR B 169 12.11 -10.25 -42.31
N PHE B 170 13.08 -9.39 -42.01
CA PHE B 170 13.68 -9.34 -40.69
C PHE B 170 12.75 -8.66 -39.69
N PRO B 171 12.84 -9.03 -38.41
CA PRO B 171 12.03 -8.36 -37.40
C PRO B 171 12.40 -6.89 -37.26
N ALA B 172 11.42 -6.10 -36.84
CA ALA B 172 11.65 -4.67 -36.64
C ALA B 172 12.63 -4.44 -35.49
N VAL B 173 13.53 -3.48 -35.69
CA VAL B 173 14.49 -3.06 -34.67
C VAL B 173 14.21 -1.60 -34.34
N LEU B 174 14.07 -1.31 -33.05
CA LEU B 174 13.79 0.05 -32.61
C LEU B 174 15.06 0.87 -32.61
N GLN B 175 15.10 1.91 -33.43
CA GLN B 175 16.28 2.75 -33.54
C GLN B 175 16.38 3.69 -32.34
N SER B 176 17.55 4.34 -32.23
CA SER B 176 17.76 5.30 -31.15
C SER B 176 16.80 6.48 -31.26
N SER B 177 16.34 6.80 -32.46
CA SER B 177 15.36 7.87 -32.66
C SER B 177 13.97 7.51 -32.14
N GLY B 178 13.76 6.25 -31.74
CA GLY B 178 12.45 5.81 -31.34
C GLY B 178 11.55 5.31 -32.45
N LEU B 179 12.08 5.15 -33.65
CA LEU B 179 11.33 4.72 -34.82
C LEU B 179 11.85 3.37 -35.30
N TYR B 180 10.94 2.44 -35.58
CA TYR B 180 11.35 1.10 -35.98
C TYR B 180 11.90 1.11 -37.41
N SER B 181 12.80 0.15 -37.67
CA SER B 181 13.35 -0.07 -39.00
C SER B 181 13.25 -1.54 -39.34
N LEU B 182 13.00 -1.83 -40.62
CA LEU B 182 12.78 -3.21 -41.08
C LEU B 182 13.34 -3.34 -42.48
N SER B 183 13.87 -4.52 -42.78
CA SER B 183 14.36 -4.85 -44.11
C SER B 183 13.81 -6.21 -44.53
N SER B 184 13.43 -6.30 -45.81
CA SER B 184 13.01 -7.56 -46.42
C SER B 184 13.83 -7.77 -47.68
N VAL B 185 14.41 -8.95 -47.82
CA VAL B 185 15.27 -9.27 -48.96
C VAL B 185 14.80 -10.58 -49.59
N VAL B 186 15.17 -10.77 -50.85
CA VAL B 186 14.86 -11.98 -51.60
C VAL B 186 16.10 -12.43 -52.34
N THR B 187 16.12 -13.71 -52.69
CA THR B 187 17.19 -14.31 -53.50
C THR B 187 16.59 -14.76 -54.82
N VAL B 188 17.15 -14.26 -55.91
CA VAL B 188 16.65 -14.56 -57.25
C VAL B 188 17.83 -14.97 -58.14
N PRO B 189 17.60 -15.77 -59.18
CA PRO B 189 18.68 -16.10 -60.11
C PRO B 189 19.23 -14.85 -60.80
N SER B 190 20.54 -14.85 -61.04
CA SER B 190 21.19 -13.70 -61.62
C SER B 190 20.78 -13.46 -63.08
N SER B 191 20.18 -14.44 -63.74
CA SER B 191 19.76 -14.29 -65.11
C SER B 191 18.40 -13.63 -65.27
N SER B 192 17.67 -13.42 -64.17
CA SER B 192 16.33 -12.87 -64.21
C SER B 192 16.28 -11.38 -63.85
N LEU B 193 17.43 -10.76 -63.56
CA LEU B 193 17.42 -9.35 -63.19
C LEU B 193 16.96 -8.47 -64.34
N GLY B 194 17.45 -8.74 -65.55
CA GLY B 194 17.05 -7.99 -66.72
C GLY B 194 15.75 -8.43 -67.36
N THR B 195 15.14 -9.50 -66.87
CA THR B 195 13.90 -10.02 -67.41
C THR B 195 12.71 -9.79 -66.49
N GLN B 196 12.84 -10.16 -65.22
CA GLN B 196 11.75 -10.01 -64.25
C GLN B 196 11.83 -8.65 -63.56
N THR B 197 10.68 -8.18 -63.10
CA THR B 197 10.56 -6.93 -62.36
C THR B 197 10.11 -7.25 -60.95
N TYR B 198 10.89 -6.81 -59.95
CA TYR B 198 10.63 -7.11 -58.56
C TYR B 198 10.11 -5.85 -57.86
N ILE B 199 8.97 -5.99 -57.19
CA ILE B 199 8.32 -4.89 -56.49
C ILE B 199 7.95 -5.37 -55.09
N CYS B 200 8.42 -4.67 -54.06
CA CYS B 200 8.06 -4.98 -52.69
C CYS B 200 6.88 -4.11 -52.28
N ASN B 201 5.86 -4.73 -51.70
CA ASN B 201 4.64 -4.04 -51.31
C ASN B 201 4.65 -3.85 -49.79
N VAL B 202 4.83 -2.61 -49.36
CA VAL B 202 4.93 -2.27 -47.94
C VAL B 202 3.63 -1.60 -47.52
N ASN B 203 3.02 -2.14 -46.46
CA ASN B 203 1.74 -1.64 -45.96
C ASN B 203 1.85 -1.42 -44.45
N HIS B 204 1.62 -0.19 -44.02
CA HIS B 204 1.64 0.19 -42.60
C HIS B 204 0.28 0.78 -42.26
N LYS B 205 -0.60 -0.06 -41.74
CA LYS B 205 -1.98 0.36 -41.48
C LYS B 205 -2.11 1.52 -40.49
N PRO B 206 -1.36 1.59 -39.38
CA PRO B 206 -1.56 2.73 -38.45
C PRO B 206 -1.39 4.10 -39.11
N SER B 207 -0.50 4.23 -40.09
CA SER B 207 -0.31 5.49 -40.80
C SER B 207 -1.06 5.54 -42.12
N ASN B 208 -1.86 4.52 -42.44
CA ASN B 208 -2.60 4.46 -43.70
C ASN B 208 -1.68 4.66 -44.90
N THR B 209 -0.50 4.05 -44.84
CA THR B 209 0.52 4.18 -45.88
C THR B 209 0.63 2.88 -46.66
N LYS B 210 0.57 2.99 -47.99
CA LYS B 210 0.83 1.87 -48.88
C LYS B 210 1.88 2.30 -49.89
N VAL B 211 2.98 1.56 -49.97
CA VAL B 211 4.09 1.88 -50.85
C VAL B 211 4.42 0.64 -51.67
N ASP B 212 4.43 0.80 -52.99
CA ASP B 212 4.83 -0.25 -53.93
C ASP B 212 6.11 0.22 -54.59
N LYS B 213 7.25 -0.30 -54.12
CA LYS B 213 8.57 0.15 -54.55
C LYS B 213 9.15 -0.84 -55.55
N LYS B 214 9.61 -0.31 -56.68
CA LYS B 214 10.32 -1.11 -57.68
C LYS B 214 11.81 -1.04 -57.41
N VAL B 215 12.49 -2.17 -57.58
CA VAL B 215 13.94 -2.26 -57.40
C VAL B 215 14.56 -2.58 -58.74
N GLU B 216 15.57 -1.81 -59.12
CA GLU B 216 16.24 -1.97 -60.40
C GLU B 216 17.73 -2.14 -60.17
N PRO B 217 18.38 -3.13 -60.81
CA PRO B 217 19.80 -3.40 -60.65
C PRO B 217 20.69 -2.37 -61.37
N GLU C 1 5.57 -12.61 -4.50
CA GLU C 1 6.40 -12.76 -5.69
C GLU C 1 7.30 -13.98 -5.59
N ILE C 2 7.00 -15.00 -6.39
CA ILE C 2 7.80 -16.22 -6.46
C ILE C 2 8.26 -16.40 -7.91
N VAL C 3 9.57 -16.53 -8.09
CA VAL C 3 10.20 -16.49 -9.42
C VAL C 3 10.41 -17.91 -9.92
N LEU C 4 10.12 -18.12 -11.21
CA LEU C 4 10.38 -19.38 -11.90
C LEU C 4 11.58 -19.20 -12.82
N THR C 5 12.51 -20.14 -12.77
CA THR C 5 13.73 -20.09 -13.57
C THR C 5 13.79 -21.32 -14.46
N GLN C 6 13.90 -21.10 -15.77
CA GLN C 6 13.89 -22.18 -16.74
C GLN C 6 15.29 -22.40 -17.32
N SER C 7 15.66 -23.66 -17.48
CA SER C 7 16.92 -24.03 -18.10
C SER C 7 16.68 -25.11 -19.14
N PRO C 8 17.43 -25.11 -20.25
CA PRO C 8 18.44 -24.11 -20.65
C PRO C 8 17.79 -22.85 -21.21
N GLY C 9 18.57 -21.79 -21.44
CA GLY C 9 18.00 -20.63 -22.11
C GLY C 9 17.54 -20.94 -23.52
N THR C 10 18.36 -21.68 -24.27
CA THR C 10 17.99 -22.16 -25.59
C THR C 10 18.52 -23.57 -25.77
N LEU C 11 17.70 -24.42 -26.39
CA LEU C 11 18.03 -25.82 -26.61
C LEU C 11 18.02 -26.12 -28.09
N SER C 12 19.02 -26.88 -28.55
CA SER C 12 19.18 -27.21 -29.96
C SER C 12 19.23 -28.72 -30.11
N LEU C 13 18.20 -29.29 -30.74
CA LEU C 13 18.11 -30.73 -30.93
C LEU C 13 17.55 -31.03 -32.31
N SER C 14 18.01 -32.13 -32.89
CA SER C 14 17.51 -32.60 -34.18
C SER C 14 16.16 -33.27 -34.02
N PRO C 15 15.36 -33.34 -35.09
CA PRO C 15 14.08 -34.03 -35.01
C PRO C 15 14.26 -35.50 -34.66
N GLY C 16 13.34 -36.02 -33.85
CA GLY C 16 13.39 -37.40 -33.40
C GLY C 16 14.06 -37.60 -32.06
N GLU C 17 14.86 -36.63 -31.60
CA GLU C 17 15.52 -36.74 -30.31
C GLU C 17 14.53 -36.44 -29.18
N ARG C 18 15.03 -36.44 -27.95
CA ARG C 18 14.22 -36.19 -26.77
C ARG C 18 14.65 -34.88 -26.13
N ALA C 19 13.69 -33.99 -25.90
CA ALA C 19 13.96 -32.67 -25.34
C ALA C 19 13.53 -32.64 -23.88
N THR C 20 14.45 -32.23 -23.01
CA THR C 20 14.20 -32.12 -21.59
C THR C 20 14.38 -30.66 -21.15
N LEU C 21 13.37 -30.12 -20.48
CA LEU C 21 13.38 -28.74 -20.02
C LEU C 21 13.23 -28.69 -18.52
N SER C 22 13.75 -27.62 -17.90
CA SER C 22 13.74 -27.48 -16.46
C SER C 22 13.01 -26.21 -16.05
N CYS C 23 12.43 -26.23 -14.86
CA CYS C 23 11.75 -25.08 -14.28
C CYS C 23 11.89 -25.17 -12.77
N ARG C 24 12.72 -24.30 -12.20
CA ARG C 24 12.98 -24.29 -10.76
C ARG C 24 12.29 -23.09 -10.12
N ALA C 25 11.62 -23.32 -9.00
CA ALA C 25 10.80 -22.32 -8.35
C ALA C 25 11.51 -21.73 -7.14
N SER C 26 11.17 -20.48 -6.84
CA SER C 26 11.73 -19.82 -5.65
C SER C 26 11.30 -20.54 -4.37
N GLN C 27 10.03 -20.93 -4.30
CA GLN C 27 9.50 -21.69 -3.18
C GLN C 27 8.75 -22.90 -3.70
N SER C 28 8.51 -23.86 -2.82
CA SER C 28 7.72 -25.03 -3.20
C SER C 28 6.31 -24.62 -3.57
N VAL C 29 5.81 -25.18 -4.68
CA VAL C 29 4.47 -24.89 -5.15
C VAL C 29 3.56 -26.11 -5.11
N SER C 30 4.10 -27.30 -4.87
CA SER C 30 3.31 -28.51 -4.65
C SER C 30 2.43 -28.84 -5.85
N SER C 31 3.09 -29.13 -6.98
CA SER C 31 2.45 -29.61 -8.20
C SER C 31 1.47 -28.62 -8.81
N TYR C 32 1.50 -27.36 -8.38
CA TYR C 32 0.65 -26.32 -8.94
C TYR C 32 1.39 -25.56 -10.04
N LEU C 33 1.79 -26.31 -11.06
CA LEU C 33 2.57 -25.77 -12.17
C LEU C 33 1.95 -26.19 -13.49
N ALA C 34 2.13 -25.34 -14.51
CA ALA C 34 1.60 -25.59 -15.84
C ALA C 34 2.66 -25.29 -16.88
N TRP C 35 2.52 -25.90 -18.05
CA TRP C 35 3.44 -25.71 -19.17
C TRP C 35 2.69 -25.18 -20.38
N TYR C 36 3.28 -24.18 -21.03
CA TYR C 36 2.69 -23.53 -22.19
C TYR C 36 3.67 -23.53 -23.35
N GLN C 37 3.14 -23.71 -24.55
CA GLN C 37 3.93 -23.63 -25.79
C GLN C 37 3.47 -22.41 -26.57
N GLN C 38 4.43 -21.64 -27.08
CA GLN C 38 4.13 -20.44 -27.86
C GLN C 38 4.99 -20.43 -29.12
N LYS C 39 4.34 -20.62 -30.27
CA LYS C 39 5.01 -20.49 -31.56
C LYS C 39 5.16 -19.00 -31.92
N PRO C 40 6.13 -18.68 -32.77
CA PRO C 40 6.35 -17.26 -33.12
C PRO C 40 5.12 -16.65 -33.76
N GLY C 41 4.67 -15.53 -33.19
CA GLY C 41 3.53 -14.80 -33.71
C GLY C 41 2.17 -15.31 -33.25
N GLN C 42 2.12 -16.36 -32.45
CA GLN C 42 0.88 -16.95 -31.98
C GLN C 42 0.77 -16.79 -30.47
N ALA C 43 -0.40 -17.15 -29.95
CA ALA C 43 -0.66 -17.12 -28.52
C ALA C 43 -0.13 -18.39 -27.85
N PRO C 44 0.12 -18.33 -26.54
CA PRO C 44 0.51 -19.55 -25.82
C PRO C 44 -0.59 -20.60 -25.87
N ARG C 45 -0.17 -21.86 -25.89
CA ARG C 45 -1.08 -23.00 -25.90
C ARG C 45 -0.81 -23.87 -24.68
N LEU C 46 -1.86 -24.27 -23.99
CA LEU C 46 -1.69 -25.08 -22.79
C LEU C 46 -1.21 -26.48 -23.16
N LEU C 47 -0.20 -26.96 -22.44
CA LEU C 47 0.34 -28.30 -22.65
C LEU C 47 0.10 -29.20 -21.43
N ILE C 48 0.56 -28.79 -20.25
CA ILE C 48 0.48 -29.58 -19.03
C ILE C 48 -0.12 -28.71 -17.94
N TYR C 49 -1.02 -29.29 -17.15
CA TYR C 49 -1.56 -28.65 -15.96
C TYR C 49 -1.43 -29.63 -14.80
N GLY C 50 -1.41 -29.10 -13.58
CA GLY C 50 -1.10 -29.95 -12.45
C GLY C 50 0.31 -30.52 -12.44
N ALA C 51 1.21 -30.01 -13.30
CA ALA C 51 2.61 -30.43 -13.37
C ALA C 51 2.80 -31.82 -13.94
N SER C 52 1.72 -32.60 -14.05
CA SER C 52 1.78 -33.89 -14.74
C SER C 52 0.62 -34.16 -15.69
N SER C 53 -0.55 -33.55 -15.50
CA SER C 53 -1.70 -33.88 -16.32
C SER C 53 -1.60 -33.25 -17.70
N ARG C 54 -2.00 -34.00 -18.72
CA ARG C 54 -1.87 -33.56 -20.10
C ARG C 54 -3.15 -32.90 -20.55
N ALA C 55 -3.03 -31.72 -21.16
CA ALA C 55 -4.20 -30.99 -21.62
C ALA C 55 -4.86 -31.70 -22.78
N THR C 56 -6.15 -31.43 -22.96
CA THR C 56 -6.90 -32.06 -24.05
C THR C 56 -6.34 -31.63 -25.41
N GLY C 57 -6.17 -32.61 -26.29
CA GLY C 57 -5.61 -32.35 -27.60
C GLY C 57 -4.10 -32.28 -27.67
N ILE C 58 -3.41 -32.73 -26.64
CA ILE C 58 -1.95 -32.69 -26.59
C ILE C 58 -1.42 -34.09 -26.85
N PRO C 59 -0.47 -34.27 -27.78
CA PRO C 59 0.03 -35.61 -28.06
C PRO C 59 0.76 -36.22 -26.88
N ASP C 60 0.84 -37.56 -26.88
CA ASP C 60 1.43 -38.29 -25.76
C ASP C 60 2.93 -38.05 -25.62
N ARG C 61 3.59 -37.52 -26.64
CA ARG C 61 5.02 -37.30 -26.57
C ARG C 61 5.41 -36.19 -25.60
N PHE C 62 4.44 -35.42 -25.12
CA PHE C 62 4.68 -34.41 -24.09
C PHE C 62 4.32 -34.99 -22.72
N SER C 63 5.23 -34.88 -21.77
CA SER C 63 5.00 -35.39 -20.42
C SER C 63 5.52 -34.38 -19.41
N GLY C 64 4.74 -34.18 -18.35
CA GLY C 64 5.13 -33.30 -17.26
C GLY C 64 5.59 -34.11 -16.05
N SER C 65 6.67 -33.65 -15.43
CA SER C 65 7.24 -34.33 -14.29
C SER C 65 7.78 -33.31 -13.30
N GLY C 66 7.89 -33.72 -12.05
CA GLY C 66 8.45 -32.89 -11.00
C GLY C 66 7.40 -32.50 -9.97
N SER C 67 7.91 -31.96 -8.86
CA SER C 67 7.07 -31.51 -7.76
C SER C 67 7.87 -30.53 -6.91
N GLY C 68 7.14 -29.74 -6.12
CA GLY C 68 7.79 -28.84 -5.18
C GLY C 68 8.54 -27.71 -5.84
N THR C 69 9.87 -27.79 -5.83
CA THR C 69 10.72 -26.75 -6.39
C THR C 69 11.29 -27.09 -7.75
N ASP C 70 11.30 -28.37 -8.13
CA ASP C 70 11.92 -28.81 -9.38
C ASP C 70 10.87 -29.45 -10.27
N PHE C 71 10.83 -29.05 -11.54
CA PHE C 71 9.88 -29.57 -12.51
C PHE C 71 10.59 -29.81 -13.83
N THR C 72 10.02 -30.73 -14.62
CA THR C 72 10.65 -31.11 -15.89
C THR C 72 9.58 -31.43 -16.93
N LEU C 73 9.68 -30.78 -18.09
CA LEU C 73 8.88 -31.11 -19.24
C LEU C 73 9.75 -31.85 -20.26
N THR C 74 9.30 -33.02 -20.69
CA THR C 74 10.04 -33.84 -21.63
C THR C 74 9.22 -34.05 -22.90
N ILE C 75 9.85 -33.85 -24.05
CA ILE C 75 9.23 -34.10 -25.35
C ILE C 75 10.06 -35.18 -26.04
N SER C 76 9.40 -36.26 -26.43
CA SER C 76 10.05 -37.38 -27.09
C SER C 76 9.68 -37.41 -28.56
N ARG C 77 10.62 -37.85 -29.40
CA ARG C 77 10.42 -37.96 -30.84
C ARG C 77 10.01 -36.60 -31.43
N LEU C 78 10.94 -35.65 -31.34
CA LEU C 78 10.68 -34.28 -31.74
C LEU C 78 10.21 -34.21 -33.19
N GLU C 79 9.11 -33.50 -33.41
CA GLU C 79 8.58 -33.21 -34.73
C GLU C 79 8.83 -31.73 -35.07
N PRO C 80 8.94 -31.39 -36.36
CA PRO C 80 9.29 -30.01 -36.72
C PRO C 80 8.33 -28.97 -36.20
N GLU C 81 7.07 -29.34 -35.96
CA GLU C 81 6.09 -28.40 -35.44
C GLU C 81 6.10 -28.33 -33.91
N ASP C 82 7.00 -29.04 -33.25
CA ASP C 82 7.12 -29.02 -31.80
C ASP C 82 8.17 -28.02 -31.31
N PHE C 83 8.75 -27.22 -32.20
CA PHE C 83 9.84 -26.33 -31.85
C PHE C 83 9.29 -24.91 -31.67
N ALA C 84 9.33 -24.42 -30.45
CA ALA C 84 8.80 -23.12 -30.08
C ALA C 84 9.41 -22.71 -28.75
N VAL C 85 8.86 -21.66 -28.14
CA VAL C 85 9.28 -21.21 -26.82
C VAL C 85 8.31 -21.77 -25.80
N TYR C 86 8.85 -22.45 -24.78
CA TYR C 86 8.04 -23.13 -23.78
C TYR C 86 8.16 -22.42 -22.44
N TYR C 87 7.03 -22.12 -21.83
CA TYR C 87 6.97 -21.41 -20.55
C TYR C 87 6.37 -22.32 -19.48
N CYS C 88 6.85 -22.15 -18.25
CA CYS C 88 6.25 -22.77 -17.08
C CYS C 88 5.62 -21.69 -16.21
N GLN C 89 4.44 -21.99 -15.66
CA GLN C 89 3.70 -21.07 -14.82
C GLN C 89 3.24 -21.79 -13.57
N GLN C 90 3.46 -21.17 -12.41
CA GLN C 90 3.02 -21.71 -11.14
C GLN C 90 1.73 -21.04 -10.71
N TYR C 91 0.87 -21.80 -10.03
CA TYR C 91 -0.33 -21.27 -9.43
C TYR C 91 -0.48 -21.77 -8.00
N GLY C 92 0.63 -21.79 -7.26
CA GLY C 92 0.60 -22.17 -5.87
C GLY C 92 0.29 -21.00 -4.95
N SER C 93 0.81 -19.82 -5.30
CA SER C 93 0.59 -18.61 -4.50
C SER C 93 0.37 -17.43 -5.43
N SER C 94 -0.61 -16.61 -5.10
CA SER C 94 -0.84 -15.38 -5.85
C SER C 94 0.30 -14.39 -5.57
N PRO C 95 0.71 -13.60 -6.57
CA PRO C 95 0.23 -13.58 -7.97
C PRO C 95 0.84 -14.70 -8.80
N ARG C 96 0.12 -15.19 -9.81
CA ARG C 96 0.62 -16.25 -10.66
C ARG C 96 1.73 -15.72 -11.57
N THR C 97 2.82 -16.48 -11.67
CA THR C 97 4.01 -16.02 -12.37
C THR C 97 4.46 -17.04 -13.40
N PHE C 98 5.07 -16.55 -14.47
CA PHE C 98 5.60 -17.38 -15.54
C PHE C 98 7.12 -17.42 -15.44
N GLY C 99 7.75 -18.06 -16.43
CA GLY C 99 9.19 -18.10 -16.56
C GLY C 99 9.67 -17.30 -17.75
N GLN C 100 11.00 -17.28 -17.90
CA GLN C 100 11.64 -16.59 -19.02
C GLN C 100 11.49 -17.34 -20.33
N GLY C 101 11.01 -18.58 -20.30
CA GLY C 101 10.86 -19.36 -21.51
C GLY C 101 12.14 -20.07 -21.91
N THR C 102 11.98 -21.07 -22.77
CA THR C 102 13.10 -21.85 -23.29
C THR C 102 12.92 -22.02 -24.79
N LYS C 103 13.79 -21.39 -25.57
CA LYS C 103 13.73 -21.52 -27.02
C LYS C 103 14.25 -22.88 -27.44
N LEU C 104 13.49 -23.57 -28.28
CA LEU C 104 13.84 -24.91 -28.77
C LEU C 104 13.98 -24.82 -30.28
N GLU C 105 15.20 -25.04 -30.78
CA GLU C 105 15.50 -24.89 -32.20
C GLU C 105 16.05 -26.20 -32.76
N ILE C 106 15.85 -26.41 -34.06
CA ILE C 106 16.30 -27.63 -34.72
C ILE C 106 17.77 -27.52 -35.05
N LYS C 107 18.53 -28.59 -34.77
CA LYS C 107 19.94 -28.64 -35.08
C LYS C 107 20.15 -29.23 -36.48
N ARG C 108 21.07 -28.64 -37.23
CA ARG C 108 21.36 -29.07 -38.59
C ARG C 108 22.86 -28.97 -38.84
N THR C 109 23.26 -29.36 -40.04
CA THR C 109 24.66 -29.27 -40.44
C THR C 109 25.08 -27.81 -40.55
N VAL C 110 26.38 -27.57 -40.36
CA VAL C 110 26.91 -26.21 -40.43
C VAL C 110 26.82 -25.69 -41.86
N ALA C 111 26.24 -24.50 -42.01
CA ALA C 111 26.14 -23.84 -43.31
C ALA C 111 26.76 -22.45 -43.21
N ALA C 112 27.75 -22.18 -44.05
CA ALA C 112 28.40 -20.89 -44.04
C ALA C 112 27.48 -19.82 -44.64
N PRO C 113 27.55 -18.59 -44.14
CA PRO C 113 26.67 -17.53 -44.66
C PRO C 113 27.16 -16.95 -45.98
N SER C 114 26.22 -16.66 -46.86
CA SER C 114 26.51 -15.82 -48.03
C SER C 114 26.46 -14.37 -47.60
N VAL C 115 27.47 -13.60 -48.00
CA VAL C 115 27.63 -12.22 -47.58
C VAL C 115 27.33 -11.31 -48.77
N PHE C 116 26.35 -10.42 -48.60
CA PHE C 116 26.04 -9.39 -49.58
C PHE C 116 26.04 -8.05 -48.88
N ILE C 117 26.44 -7.01 -49.61
CA ILE C 117 26.54 -5.66 -49.06
C ILE C 117 25.76 -4.71 -49.98
N PHE C 118 25.02 -3.80 -49.36
CA PHE C 118 24.17 -2.87 -50.11
C PHE C 118 24.50 -1.43 -49.77
N PRO C 119 25.14 -0.69 -50.67
CA PRO C 119 25.35 0.74 -50.41
C PRO C 119 24.03 1.48 -50.37
N PRO C 120 23.98 2.61 -49.66
CA PRO C 120 22.73 3.35 -49.55
C PRO C 120 22.22 3.80 -50.91
N SER C 121 20.90 3.79 -51.07
CA SER C 121 20.29 4.20 -52.33
C SER C 121 20.45 5.70 -52.55
N ASP C 122 20.51 6.09 -53.82
CA ASP C 122 20.60 7.50 -54.15
C ASP C 122 19.37 8.27 -53.69
N GLU C 123 18.20 7.62 -53.71
CA GLU C 123 16.98 8.26 -53.22
C GLU C 123 17.09 8.61 -51.74
N GLN C 124 17.63 7.68 -50.94
CA GLN C 124 17.80 7.94 -49.52
C GLN C 124 18.84 9.03 -49.27
N LEU C 125 19.86 9.12 -50.13
CA LEU C 125 20.93 10.08 -49.91
C LEU C 125 20.46 11.52 -50.07
N LYS C 126 19.38 11.74 -50.83
CA LYS C 126 18.84 13.08 -50.95
C LYS C 126 18.33 13.60 -49.62
N SER C 127 17.71 12.72 -48.82
CA SER C 127 17.16 13.11 -47.52
C SER C 127 18.24 13.42 -46.49
N GLY C 128 19.50 13.10 -46.77
CA GLY C 128 20.59 13.40 -45.86
C GLY C 128 21.03 12.26 -44.97
N THR C 129 20.41 11.08 -45.09
CA THR C 129 20.77 9.91 -44.31
C THR C 129 21.22 8.80 -45.24
N ALA C 130 22.28 8.10 -44.86
CA ALA C 130 22.80 6.96 -45.63
C ALA C 130 22.77 5.72 -44.74
N SER C 131 22.26 4.63 -45.29
CA SER C 131 22.19 3.35 -44.58
C SER C 131 22.79 2.26 -45.44
N VAL C 132 23.84 1.62 -44.93
CA VAL C 132 24.49 0.52 -45.62
C VAL C 132 24.02 -0.78 -44.98
N VAL C 133 23.49 -1.69 -45.80
CA VAL C 133 22.93 -2.95 -45.34
C VAL C 133 23.87 -4.08 -45.73
N CYS C 134 24.22 -4.91 -44.75
CA CYS C 134 25.02 -6.11 -45.00
C CYS C 134 24.14 -7.33 -44.69
N LEU C 135 24.14 -8.29 -45.62
CA LEU C 135 23.25 -9.44 -45.54
C LEU C 135 24.04 -10.71 -45.33
N LEU C 136 23.66 -11.47 -44.31
CA LEU C 136 24.17 -12.82 -44.05
C LEU C 136 23.03 -13.79 -44.33
N ASN C 137 23.16 -14.58 -45.39
CA ASN C 137 22.04 -15.34 -45.93
C ASN C 137 22.23 -16.83 -45.70
N ASN C 138 21.22 -17.46 -45.07
CA ASN C 138 21.09 -18.91 -44.99
C ASN C 138 22.32 -19.57 -44.34
N PHE C 139 22.52 -19.26 -43.06
CA PHE C 139 23.62 -19.82 -42.30
C PHE C 139 23.12 -20.51 -41.04
N TYR C 140 23.98 -21.38 -40.50
CA TYR C 140 23.77 -22.06 -39.23
C TYR C 140 25.13 -22.43 -38.68
N PRO C 141 25.36 -22.32 -37.37
CA PRO C 141 24.43 -21.93 -36.30
C PRO C 141 24.16 -20.43 -36.26
N ARG C 142 23.32 -20.00 -35.30
CA ARG C 142 22.89 -18.60 -35.26
C ARG C 142 24.03 -17.66 -34.88
N GLU C 143 24.98 -18.13 -34.06
CA GLU C 143 26.06 -17.26 -33.59
C GLU C 143 26.89 -16.77 -34.76
N ALA C 144 27.00 -15.46 -34.91
CA ALA C 144 27.78 -14.85 -35.97
C ALA C 144 28.23 -13.47 -35.53
N LYS C 145 29.47 -13.13 -35.86
CA LYS C 145 30.06 -11.85 -35.48
C LYS C 145 30.20 -10.99 -36.73
N VAL C 146 29.52 -9.84 -36.73
CA VAL C 146 29.55 -8.90 -37.85
C VAL C 146 30.23 -7.61 -37.37
N GLN C 147 31.24 -7.18 -38.11
CA GLN C 147 31.99 -5.97 -37.79
C GLN C 147 31.99 -5.05 -39.00
N TRP C 148 31.71 -3.77 -38.77
CA TRP C 148 31.83 -2.75 -39.80
C TRP C 148 33.19 -2.08 -39.69
N LYS C 149 33.94 -2.07 -40.78
CA LYS C 149 35.24 -1.41 -40.84
C LYS C 149 35.24 -0.44 -42.01
N VAL C 150 35.30 0.85 -41.70
CA VAL C 150 35.23 1.91 -42.69
C VAL C 150 36.61 2.53 -42.82
N ASP C 151 37.15 2.55 -44.03
CA ASP C 151 38.53 2.96 -44.28
C ASP C 151 39.50 2.19 -43.40
N ASN C 152 39.24 0.89 -43.25
CA ASN C 152 40.02 -0.02 -42.41
C ASN C 152 40.01 0.40 -40.94
N ALA C 153 39.01 1.19 -40.53
CA ALA C 153 38.86 1.60 -39.14
C ALA C 153 37.57 1.01 -38.59
N LEU C 154 37.66 0.39 -37.41
CA LEU C 154 36.52 -0.30 -36.84
C LEU C 154 35.47 0.70 -36.37
N GLN C 155 34.24 0.52 -36.84
CA GLN C 155 33.12 1.38 -36.47
C GLN C 155 32.28 0.70 -35.39
N SER C 156 31.78 1.52 -34.46
CA SER C 156 31.02 1.00 -33.34
C SER C 156 29.95 2.01 -32.95
N GLY C 157 28.81 1.49 -32.48
CA GLY C 157 27.76 2.32 -31.93
C GLY C 157 26.78 2.89 -32.94
N ASN C 158 26.93 2.58 -34.22
CA ASN C 158 26.01 3.06 -35.24
C ASN C 158 25.49 1.93 -36.13
N SER C 159 25.50 0.70 -35.63
CA SER C 159 25.02 -0.45 -36.38
C SER C 159 24.06 -1.26 -35.51
N GLN C 160 22.98 -1.72 -36.13
CA GLN C 160 21.98 -2.55 -35.47
C GLN C 160 21.81 -3.85 -36.25
N GLU C 161 21.68 -4.95 -35.52
CA GLU C 161 21.51 -6.27 -36.12
C GLU C 161 20.09 -6.77 -35.91
N SER C 162 19.64 -7.59 -36.85
CA SER C 162 18.34 -8.27 -36.76
C SER C 162 18.48 -9.63 -37.42
N VAL C 163 17.93 -10.66 -36.78
CA VAL C 163 18.05 -12.03 -37.23
C VAL C 163 16.65 -12.62 -37.39
N THR C 164 16.40 -13.24 -38.54
CA THR C 164 15.13 -13.92 -38.76
C THR C 164 15.06 -15.19 -37.93
N GLU C 165 13.84 -15.68 -37.74
CA GLU C 165 13.65 -17.00 -37.16
C GLU C 165 14.14 -18.08 -38.12
N GLN C 166 14.18 -19.31 -37.62
CA GLN C 166 14.60 -20.43 -38.46
C GLN C 166 13.66 -20.57 -39.65
N ASP C 167 14.22 -20.69 -40.84
CA ASP C 167 13.41 -20.88 -42.04
C ASP C 167 12.70 -22.23 -41.97
N SER C 168 11.46 -22.25 -42.46
CA SER C 168 10.63 -23.44 -42.35
C SER C 168 11.09 -24.58 -43.25
N LYS C 169 12.05 -24.33 -44.15
CA LYS C 169 12.47 -25.33 -45.12
C LYS C 169 13.89 -25.85 -44.88
N ASP C 170 14.87 -24.95 -44.78
CA ASP C 170 16.26 -25.35 -44.60
C ASP C 170 16.79 -25.05 -43.19
N SER C 171 15.95 -24.53 -42.30
CA SER C 171 16.29 -24.34 -40.89
C SER C 171 17.49 -23.42 -40.69
N THR C 172 17.67 -22.44 -41.57
CA THR C 172 18.81 -21.54 -41.52
C THR C 172 18.37 -20.16 -41.05
N TYR C 173 19.29 -19.47 -40.36
CA TYR C 173 19.07 -18.11 -39.93
C TYR C 173 19.58 -17.13 -40.98
N SER C 174 19.00 -15.94 -40.99
CA SER C 174 19.48 -14.84 -41.82
C SER C 174 19.67 -13.60 -40.95
N LEU C 175 20.75 -12.87 -41.19
CA LEU C 175 21.12 -11.73 -40.36
C LEU C 175 21.31 -10.50 -41.25
N SER C 176 20.81 -9.36 -40.76
CA SER C 176 20.99 -8.09 -41.44
C SER C 176 21.61 -7.09 -40.47
N SER C 177 22.73 -6.50 -40.87
CA SER C 177 23.39 -5.44 -40.09
C SER C 177 23.34 -4.17 -40.91
N THR C 178 22.77 -3.11 -40.32
CA THR C 178 22.60 -1.83 -40.99
C THR C 178 23.45 -0.78 -40.30
N LEU C 179 24.31 -0.12 -41.06
CA LEU C 179 25.13 0.98 -40.56
C LEU C 179 24.51 2.29 -41.06
N THR C 180 23.98 3.08 -40.13
CA THR C 180 23.26 4.31 -40.45
C THR C 180 24.16 5.50 -40.17
N LEU C 181 24.39 6.31 -41.20
CA LEU C 181 25.19 7.53 -41.09
C LEU C 181 24.49 8.66 -41.83
N SER C 182 24.76 9.89 -41.40
CA SER C 182 24.28 11.05 -42.13
C SER C 182 25.05 11.18 -43.44
N LYS C 183 24.51 11.99 -44.35
CA LYS C 183 25.15 12.18 -45.65
C LYS C 183 26.54 12.79 -45.49
N ALA C 184 26.67 13.77 -44.59
CA ALA C 184 27.97 14.40 -44.37
C ALA C 184 28.98 13.40 -43.84
N ASP C 185 28.60 12.62 -42.82
CA ASP C 185 29.50 11.59 -42.30
C ASP C 185 29.76 10.51 -43.33
N TYR C 186 28.74 10.16 -44.12
CA TYR C 186 28.90 9.11 -45.11
C TYR C 186 29.92 9.48 -46.18
N GLU C 187 29.92 10.74 -46.60
CA GLU C 187 30.82 11.19 -47.65
C GLU C 187 32.19 11.62 -47.13
N LYS C 188 32.45 11.46 -45.84
CA LYS C 188 33.76 11.68 -45.26
C LYS C 188 34.64 10.43 -45.30
N HIS C 189 34.15 9.35 -45.90
CA HIS C 189 34.90 8.12 -46.01
C HIS C 189 34.70 7.54 -47.41
N LYS C 190 35.66 6.72 -47.84
CA LYS C 190 35.64 6.14 -49.17
C LYS C 190 35.25 4.67 -49.16
N VAL C 191 35.97 3.83 -48.40
CA VAL C 191 35.80 2.39 -48.45
C VAL C 191 34.95 1.95 -47.27
N TYR C 192 33.85 1.26 -47.56
CA TYR C 192 32.97 0.67 -46.56
C TYR C 192 33.02 -0.85 -46.68
N ALA C 193 33.35 -1.53 -45.58
CA ALA C 193 33.55 -2.97 -45.60
C ALA C 193 32.69 -3.65 -44.54
N CYS C 194 32.21 -4.84 -44.87
CA CYS C 194 31.46 -5.68 -43.95
C CYS C 194 32.26 -6.96 -43.73
N GLU C 195 32.59 -7.25 -42.47
CA GLU C 195 33.41 -8.40 -42.12
C GLU C 195 32.57 -9.38 -41.30
N VAL C 196 32.57 -10.65 -41.71
CA VAL C 196 31.72 -11.68 -41.12
C VAL C 196 32.61 -12.79 -40.58
N THR C 197 32.41 -13.13 -39.32
CA THR C 197 33.09 -14.26 -38.68
C THR C 197 32.05 -15.30 -38.31
N HIS C 198 32.28 -16.55 -38.72
CA HIS C 198 31.31 -17.62 -38.50
C HIS C 198 32.05 -18.94 -38.41
N GLN C 199 31.36 -19.95 -37.86
CA GLN C 199 31.96 -21.27 -37.69
C GLN C 199 32.24 -21.93 -39.03
N GLY C 200 31.38 -21.72 -40.02
CA GLY C 200 31.54 -22.34 -41.32
C GLY C 200 32.51 -21.65 -42.26
N LEU C 201 33.26 -20.67 -41.78
CA LEU C 201 34.20 -19.91 -42.60
C LEU C 201 35.63 -20.23 -42.13
N SER C 202 36.47 -20.68 -43.07
CA SER C 202 37.87 -20.94 -42.73
C SER C 202 38.57 -19.66 -42.31
N SER C 203 38.34 -18.58 -43.02
CA SER C 203 38.82 -17.24 -42.70
C SER C 203 37.66 -16.27 -42.82
N PRO C 204 37.73 -15.14 -42.11
CA PRO C 204 36.62 -14.17 -42.18
C PRO C 204 36.38 -13.69 -43.61
N VAL C 205 35.10 -13.47 -43.92
CA VAL C 205 34.68 -13.04 -45.25
C VAL C 205 34.38 -11.53 -45.19
N THR C 206 34.93 -10.80 -46.14
CA THR C 206 34.76 -9.34 -46.20
C THR C 206 34.21 -8.96 -47.56
N LYS C 207 33.02 -8.36 -47.57
CA LYS C 207 32.41 -7.79 -48.76
C LYS C 207 32.37 -6.28 -48.60
N SER C 208 32.96 -5.56 -49.56
CA SER C 208 33.17 -4.13 -49.42
C SER C 208 32.82 -3.43 -50.72
N PHE C 209 32.71 -2.10 -50.63
CA PHE C 209 32.44 -1.26 -51.79
C PHE C 209 33.08 0.10 -51.57
N ASN C 210 33.23 0.85 -52.65
CA ASN C 210 33.71 2.23 -52.62
C ASN C 210 32.58 3.17 -52.97
N ARG C 211 32.58 4.35 -52.33
CA ARG C 211 31.48 5.30 -52.50
C ARG C 211 31.34 5.79 -53.94
N GLY C 212 32.39 5.68 -54.75
CA GLY C 212 32.33 6.08 -56.14
C GLY C 212 31.39 5.23 -56.97
N GLN D 1 -4.65 -6.79 32.05
CA GLN D 1 -3.25 -6.96 32.42
C GLN D 1 -2.33 -6.77 31.22
N MET D 2 -2.83 -6.12 30.18
CA MET D 2 -2.02 -5.77 29.02
C MET D 2 -1.45 -4.37 29.22
N GLN D 3 -0.15 -4.22 29.04
CA GLN D 3 0.55 -2.97 29.30
C GLN D 3 1.28 -2.51 28.04
N LEU D 4 1.19 -1.21 27.77
CA LEU D 4 1.84 -0.59 26.62
C LEU D 4 2.85 0.44 27.09
N VAL D 5 4.06 0.38 26.54
CA VAL D 5 5.12 1.35 26.83
C VAL D 5 5.61 1.91 25.50
N GLN D 6 5.67 3.24 25.39
CA GLN D 6 6.03 3.92 24.17
C GLN D 6 7.48 4.35 24.19
N SER D 7 7.93 4.94 23.08
CA SER D 7 9.31 5.40 22.94
C SER D 7 9.48 6.76 23.61
N GLY D 8 10.71 7.26 23.61
CA GLY D 8 11.03 8.52 24.24
C GLY D 8 10.63 9.73 23.43
N THR D 9 10.86 10.90 24.02
CA THR D 9 10.50 12.16 23.38
C THR D 9 11.41 12.42 22.17
N GLU D 10 10.81 12.96 21.11
CA GLU D 10 11.51 13.23 19.86
C GLU D 10 11.42 14.71 19.52
N VAL D 11 12.52 15.28 19.05
CA VAL D 11 12.57 16.63 18.52
C VAL D 11 13.29 16.58 17.19
N LYS D 12 12.61 16.98 16.12
CA LYS D 12 13.14 16.87 14.77
C LYS D 12 12.90 18.16 13.99
N LYS D 13 13.76 18.41 13.01
CA LYS D 13 13.55 19.48 12.05
C LYS D 13 12.47 19.09 11.05
N PRO D 14 11.82 20.07 10.43
CA PRO D 14 10.90 19.75 9.34
C PRO D 14 11.63 19.07 8.19
N GLY D 15 10.96 18.08 7.58
CA GLY D 15 11.54 17.33 6.49
C GLY D 15 12.29 16.08 6.88
N GLU D 16 12.55 15.88 8.17
CA GLU D 16 13.20 14.65 8.61
C GLU D 16 12.18 13.52 8.75
N SER D 17 12.70 12.29 8.71
CA SER D 17 11.87 11.11 8.93
C SER D 17 11.88 10.74 10.41
N LEU D 18 10.78 10.14 10.85
CA LEU D 18 10.61 9.77 12.25
C LEU D 18 9.91 8.42 12.36
N LYS D 19 10.37 7.60 13.29
CA LYS D 19 9.74 6.31 13.58
C LYS D 19 9.67 6.14 15.09
N ILE D 20 8.47 6.03 15.62
CA ILE D 20 8.26 5.87 17.05
C ILE D 20 7.78 4.44 17.32
N SER D 21 7.89 4.04 18.59
CA SER D 21 7.69 2.65 18.98
C SER D 21 6.66 2.56 20.10
N CYS D 22 6.02 1.39 20.18
CA CYS D 22 4.98 1.12 21.19
C CYS D 22 4.99 -0.38 21.45
N LYS D 23 5.64 -0.79 22.53
CA LYS D 23 5.78 -2.21 22.87
C LYS D 23 4.74 -2.61 23.89
N GLY D 24 4.08 -3.75 23.64
CA GLY D 24 3.03 -4.26 24.51
C GLY D 24 3.49 -5.49 25.27
N SER D 25 2.96 -5.66 26.48
CA SER D 25 3.25 -6.82 27.30
C SER D 25 2.03 -7.14 28.14
N GLY D 26 1.62 -8.40 28.14
CA GLY D 26 0.41 -8.78 28.83
C GLY D 26 0.04 -10.23 28.58
N TYR D 27 -1.26 -10.51 28.67
CA TYR D 27 -1.79 -11.86 28.56
C TYR D 27 -2.50 -12.12 27.24
N GLY D 28 -3.42 -11.25 26.84
CA GLY D 28 -4.20 -11.46 25.64
C GLY D 28 -3.70 -10.67 24.46
N ILE D 29 -2.38 -10.61 24.29
CA ILE D 29 -1.78 -9.76 23.26
C ILE D 29 -2.25 -10.17 21.88
N ILE D 30 -2.57 -11.44 21.68
CA ILE D 30 -3.05 -11.90 20.37
C ILE D 30 -4.37 -11.25 20.01
N THR D 31 -5.16 -10.85 21.01
CA THR D 31 -6.49 -10.29 20.77
C THR D 31 -6.47 -8.78 20.60
N TYR D 32 -5.36 -8.12 20.89
CA TYR D 32 -5.34 -6.66 20.93
C TYR D 32 -4.93 -6.07 19.59
N TRP D 33 -5.70 -5.09 19.12
CA TRP D 33 -5.34 -4.25 17.99
C TRP D 33 -4.77 -2.94 18.53
N ILE D 34 -3.68 -2.48 17.94
CA ILE D 34 -2.97 -1.31 18.41
C ILE D 34 -3.33 -0.12 17.52
N GLY D 35 -4.00 0.88 18.10
CA GLY D 35 -4.32 2.10 17.41
C GLY D 35 -3.40 3.24 17.78
N TRP D 36 -3.53 4.34 17.04
CA TRP D 36 -2.72 5.53 17.26
C TRP D 36 -3.60 6.76 17.33
N VAL D 37 -3.37 7.59 18.34
CA VAL D 37 -4.16 8.79 18.59
C VAL D 37 -3.22 9.98 18.68
N ARG D 38 -3.55 11.05 17.96
CA ARG D 38 -2.78 12.28 17.98
C ARG D 38 -3.54 13.36 18.74
N GLN D 39 -2.81 14.09 19.60
CA GLN D 39 -3.38 15.20 20.36
C GLN D 39 -2.46 16.40 20.18
N MET D 40 -2.83 17.31 19.29
CA MET D 40 -2.06 18.52 19.05
C MET D 40 -2.15 19.43 20.28
N PRO D 41 -1.15 20.30 20.47
CA PRO D 41 -1.15 21.18 21.65
C PRO D 41 -2.42 22.01 21.73
N GLY D 42 -3.20 21.78 22.79
CA GLY D 42 -4.44 22.47 23.00
C GLY D 42 -5.62 21.93 22.23
N LYS D 43 -5.45 20.84 21.48
CA LYS D 43 -6.51 20.25 20.68
C LYS D 43 -6.96 18.92 21.30
N GLY D 44 -8.00 18.35 20.71
CA GLY D 44 -8.57 17.11 21.17
C GLY D 44 -7.87 15.90 20.61
N LEU D 45 -8.44 14.73 20.90
CA LEU D 45 -7.90 13.47 20.43
C LEU D 45 -8.32 13.21 18.99
N GLU D 46 -7.38 12.71 18.19
CA GLU D 46 -7.62 12.38 16.79
C GLU D 46 -7.21 10.93 16.56
N TRP D 47 -8.14 10.12 16.07
CA TRP D 47 -7.83 8.73 15.74
C TRP D 47 -7.13 8.68 14.39
N MET D 48 -5.93 8.12 14.36
CA MET D 48 -5.12 8.06 13.15
C MET D 48 -5.28 6.75 12.40
N GLY D 49 -5.15 5.62 13.08
CA GLY D 49 -5.30 4.33 12.44
C GLY D 49 -5.13 3.22 13.44
N ILE D 50 -5.47 2.01 13.01
CA ILE D 50 -5.41 0.82 13.85
C ILE D 50 -4.75 -0.29 13.05
N ILE D 51 -4.19 -1.27 13.77
CA ILE D 51 -3.49 -2.38 13.14
C ILE D 51 -3.62 -3.61 14.02
N TYR D 52 -3.70 -4.77 13.36
CA TYR D 52 -3.69 -6.06 14.04
C TYR D 52 -2.32 -6.69 13.91
N PRO D 53 -1.58 -6.91 14.99
CA PRO D 53 -0.20 -7.39 14.86
C PRO D 53 -0.07 -8.73 14.16
N GLY D 54 -1.08 -9.59 14.24
CA GLY D 54 -0.99 -10.92 13.65
C GLY D 54 -0.84 -10.92 12.15
N ASP D 55 -1.86 -10.45 11.43
CA ASP D 55 -1.84 -10.41 9.98
C ASP D 55 -1.42 -9.05 9.44
N SER D 56 -1.08 -8.10 10.32
CA SER D 56 -0.64 -6.76 9.91
C SER D 56 -1.71 -6.02 9.12
N GLU D 57 -2.98 -6.39 9.33
CA GLU D 57 -4.07 -5.63 8.72
C GLU D 57 -4.08 -4.21 9.28
N THR D 58 -4.14 -3.23 8.39
CA THR D 58 -4.03 -1.84 8.79
C THR D 58 -5.17 -1.04 8.18
N ARG D 59 -5.79 -0.20 9.00
CA ARG D 59 -6.83 0.72 8.56
C ARG D 59 -6.42 2.13 8.99
N TYR D 60 -6.50 3.08 8.05
CA TYR D 60 -6.13 4.46 8.31
C TYR D 60 -7.35 5.36 8.25
N SER D 61 -7.36 6.37 9.11
CA SER D 61 -8.35 7.43 8.98
C SER D 61 -8.11 8.18 7.66
N PRO D 62 -9.17 8.64 6.99
CA PRO D 62 -8.98 9.33 5.71
C PRO D 62 -8.10 10.57 5.82
N SER D 63 -8.09 11.24 6.98
CA SER D 63 -7.23 12.40 7.15
C SER D 63 -5.76 12.02 7.10
N PHE D 64 -5.40 10.88 7.71
CA PHE D 64 -4.01 10.42 7.79
C PHE D 64 -3.72 9.28 6.80
N GLN D 65 -4.54 9.14 5.76
CA GLN D 65 -4.49 7.94 4.94
C GLN D 65 -3.13 7.75 4.27
N GLY D 66 -2.57 8.82 3.71
CA GLY D 66 -1.38 8.67 2.90
C GLY D 66 -0.12 9.32 3.42
N GLN D 67 -0.18 9.92 4.61
CA GLN D 67 0.97 10.65 5.15
C GLN D 67 1.58 10.00 6.38
N VAL D 68 1.02 8.89 6.87
CA VAL D 68 1.62 8.11 7.94
C VAL D 68 1.57 6.64 7.55
N THR D 69 2.48 5.86 8.14
CA THR D 69 2.57 4.43 7.87
C THR D 69 2.65 3.69 9.19
N ILE D 70 1.67 2.83 9.45
CA ILE D 70 1.61 2.04 10.67
C ILE D 70 2.09 0.63 10.35
N SER D 71 3.08 0.17 11.10
CA SER D 71 3.62 -1.18 10.93
C SER D 71 3.75 -1.84 12.30
N ALA D 72 3.75 -3.17 12.29
CA ALA D 72 3.84 -3.94 13.52
C ALA D 72 4.79 -5.12 13.32
N ASP D 73 5.46 -5.49 14.41
CA ASP D 73 6.34 -6.66 14.44
C ASP D 73 5.81 -7.57 15.54
N LYS D 74 5.02 -8.56 15.15
CA LYS D 74 4.41 -9.48 16.13
C LYS D 74 5.45 -10.33 16.85
N SER D 75 6.68 -10.40 16.35
CA SER D 75 7.72 -11.16 17.03
C SER D 75 8.05 -10.54 18.39
N ILE D 76 8.21 -9.22 18.42
CA ILE D 76 8.57 -8.52 19.66
C ILE D 76 7.38 -7.76 20.24
N ASN D 77 6.19 -7.91 19.65
CA ASN D 77 4.96 -7.28 20.13
C ASN D 77 5.14 -5.75 20.19
N THR D 78 5.47 -5.17 19.04
CA THR D 78 5.71 -3.74 18.94
C THR D 78 5.05 -3.19 17.68
N ALA D 79 4.34 -2.09 17.82
CA ALA D 79 3.73 -1.38 16.70
C ALA D 79 4.45 -0.05 16.50
N TYR D 80 4.63 0.35 15.25
CA TYR D 80 5.40 1.54 14.91
C TYR D 80 4.54 2.53 14.14
N LEU D 81 4.67 3.80 14.51
CA LEU D 81 4.12 4.92 13.75
C LEU D 81 5.27 5.67 13.11
N GLN D 82 5.21 5.86 11.79
CA GLN D 82 6.36 6.32 11.03
C GLN D 82 5.95 7.46 10.10
N TRP D 83 6.85 8.42 9.93
CA TRP D 83 6.71 9.51 8.97
C TRP D 83 7.87 9.49 7.99
N SER D 84 7.59 9.87 6.75
CA SER D 84 8.64 10.01 5.74
C SER D 84 9.26 11.39 5.77
N SER D 85 8.43 12.44 5.78
CA SER D 85 8.90 13.82 5.88
C SER D 85 8.02 14.56 6.86
N LEU D 86 8.61 15.00 7.97
CA LEU D 86 7.85 15.65 9.02
C LEU D 86 7.49 17.08 8.65
N LYS D 87 6.35 17.52 9.17
CA LYS D 87 5.86 18.87 8.99
C LYS D 87 5.71 19.55 10.35
N ALA D 88 5.71 20.88 10.33
CA ALA D 88 5.50 21.63 11.56
C ALA D 88 4.12 21.37 12.15
N SER D 89 3.15 21.01 11.30
CA SER D 89 1.82 20.67 11.77
C SER D 89 1.77 19.33 12.50
N ASP D 90 2.79 18.50 12.34
CA ASP D 90 2.86 17.20 13.02
C ASP D 90 3.27 17.31 14.48
N THR D 91 3.61 18.51 14.95
CA THR D 91 4.00 18.71 16.33
C THR D 91 2.82 18.42 17.25
N ALA D 92 2.93 17.34 18.03
CA ALA D 92 1.86 16.89 18.92
C ALA D 92 2.42 15.82 19.84
N ILE D 93 1.55 15.24 20.65
CA ILE D 93 1.86 14.08 21.47
C ILE D 93 1.01 12.92 20.98
N TYR D 94 1.67 11.78 20.73
CA TYR D 94 1.03 10.62 20.11
C TYR D 94 0.84 9.52 21.14
N TYR D 95 -0.36 8.98 21.22
CA TYR D 95 -0.69 7.85 22.09
C TYR D 95 -0.95 6.62 21.24
N CYS D 96 -0.53 5.46 21.75
CA CYS D 96 -0.91 4.17 21.18
C CYS D 96 -1.87 3.49 22.14
N ALA D 97 -3.02 3.06 21.60
CA ALA D 97 -4.06 2.42 22.39
C ALA D 97 -4.36 1.03 21.86
N GLY D 98 -4.76 0.16 22.78
CA GLY D 98 -5.02 -1.24 22.46
C GLY D 98 -6.50 -1.56 22.68
N SER D 99 -7.09 -2.17 21.67
CA SER D 99 -8.48 -2.62 21.70
C SER D 99 -8.49 -4.13 21.53
N SER D 100 -9.26 -4.82 22.38
CA SER D 100 -9.38 -6.27 22.29
C SER D 100 -10.03 -6.73 21.00
N GLY D 101 -10.49 -5.81 20.16
CA GLY D 101 -10.99 -6.15 18.85
C GLY D 101 -11.30 -4.87 18.10
N ILE D 102 -11.66 -5.03 16.84
CA ILE D 102 -12.18 -3.91 16.07
C ILE D 102 -13.62 -3.65 16.50
N SER D 103 -14.06 -2.40 16.36
CA SER D 103 -15.36 -1.96 16.86
C SER D 103 -15.49 -2.26 18.36
N THR D 104 -14.40 -2.03 19.09
CA THR D 104 -14.28 -2.29 20.51
C THR D 104 -13.60 -1.09 21.15
N PRO D 105 -13.95 -0.74 22.40
CA PRO D 105 -13.28 0.38 23.06
C PRO D 105 -11.80 0.08 23.30
N MET D 106 -11.08 1.15 23.63
CA MET D 106 -9.64 1.08 23.84
C MET D 106 -9.37 1.02 25.33
N ASP D 107 -9.03 -0.18 25.81
CA ASP D 107 -8.77 -0.39 27.24
C ASP D 107 -7.39 0.12 27.64
N VAL D 108 -6.36 -0.25 26.88
CA VAL D 108 -4.97 -0.01 27.26
C VAL D 108 -4.47 1.23 26.52
N TRP D 109 -3.79 2.10 27.24
CA TRP D 109 -3.19 3.31 26.68
C TRP D 109 -1.75 3.45 27.15
N GLY D 110 -0.89 3.90 26.25
CA GLY D 110 0.48 4.18 26.63
C GLY D 110 0.63 5.52 27.31
N GLN D 111 1.85 5.79 27.78
CA GLN D 111 2.12 7.07 28.44
C GLN D 111 2.16 8.23 27.46
N GLY D 112 2.35 7.95 26.18
CA GLY D 112 2.40 8.97 25.16
C GLY D 112 3.82 9.32 24.78
N THR D 113 3.99 9.71 23.51
CA THR D 113 5.28 10.17 22.99
C THR D 113 5.11 11.59 22.49
N THR D 114 5.88 12.51 23.06
CA THR D 114 5.83 13.91 22.66
C THR D 114 6.74 14.14 21.46
N VAL D 115 6.17 14.70 20.40
CA VAL D 115 6.91 14.97 19.16
C VAL D 115 6.86 16.46 18.90
N THR D 116 8.02 17.08 18.75
CA THR D 116 8.14 18.50 18.47
C THR D 116 8.89 18.68 17.16
N VAL D 117 8.22 19.26 16.17
CA VAL D 117 8.81 19.57 14.88
C VAL D 117 8.80 21.08 14.70
N SER D 118 9.99 21.67 14.63
CA SER D 118 10.11 23.11 14.47
C SER D 118 11.35 23.41 13.65
N SER D 119 11.29 24.51 12.89
CA SER D 119 12.46 24.99 12.18
C SER D 119 13.52 25.55 13.12
N ALA D 120 13.17 25.77 14.39
CA ALA D 120 14.11 26.34 15.35
C ALA D 120 15.14 25.31 15.76
N SER D 121 16.06 25.73 16.63
CA SER D 121 17.15 24.89 17.09
C SER D 121 17.34 25.10 18.59
N THR D 122 18.01 24.14 19.21
CA THR D 122 18.17 24.14 20.66
C THR D 122 18.85 25.43 21.15
N LYS D 123 18.22 26.08 22.13
CA LYS D 123 18.75 27.31 22.71
C LYS D 123 18.44 27.33 24.20
N GLY D 124 19.40 27.83 24.98
CA GLY D 124 19.24 27.91 26.42
C GLY D 124 18.38 29.09 26.84
N PRO D 125 17.73 28.97 27.98
CA PRO D 125 16.86 30.04 28.48
C PRO D 125 17.65 31.19 29.09
N SER D 126 17.06 32.38 28.99
CA SER D 126 17.56 33.56 29.67
C SER D 126 16.64 33.86 30.85
N VAL D 127 17.21 33.91 32.05
CA VAL D 127 16.44 34.09 33.28
C VAL D 127 16.60 35.53 33.74
N PHE D 128 15.48 36.25 33.80
CA PHE D 128 15.48 37.63 34.24
C PHE D 128 14.61 37.79 35.47
N PRO D 129 15.07 38.55 36.47
CA PRO D 129 14.28 38.72 37.70
C PRO D 129 13.04 39.56 37.45
N LEU D 130 12.02 39.34 38.29
CA LEU D 130 10.82 40.16 38.33
C LEU D 130 10.88 40.95 39.63
N ALA D 131 11.20 42.24 39.52
CA ALA D 131 11.48 43.05 40.70
C ALA D 131 10.22 43.24 41.54
N PRO D 132 10.32 43.10 42.86
CA PRO D 132 9.17 43.38 43.72
C PRO D 132 8.78 44.86 43.66
N SER D 133 7.49 45.12 43.81
CA SER D 133 6.97 46.48 43.77
C SER D 133 7.16 47.18 45.10
N GLY D 140 1.45 43.61 54.54
CA GLY D 140 0.80 43.40 53.26
C GLY D 140 1.30 42.18 52.53
N THR D 141 0.85 42.02 51.28
CA THR D 141 1.22 40.88 50.44
C THR D 141 2.02 41.40 49.26
N ALA D 142 3.23 40.85 49.08
CA ALA D 142 4.13 41.23 48.00
C ALA D 142 4.49 40.00 47.18
N ALA D 143 4.58 40.18 45.87
CA ALA D 143 4.84 39.08 44.94
C ALA D 143 6.06 39.39 44.09
N LEU D 144 6.89 38.37 43.88
CA LEU D 144 8.05 38.43 43.00
C LEU D 144 8.08 37.17 42.14
N GLY D 145 9.07 37.08 41.27
CA GLY D 145 9.16 35.93 40.40
C GLY D 145 10.36 36.01 39.48
N CYS D 146 10.42 35.06 38.55
CA CYS D 146 11.49 34.96 37.56
C CYS D 146 10.89 34.80 36.17
N LEU D 147 11.51 35.44 35.18
CA LEU D 147 11.10 35.37 33.80
C LEU D 147 12.07 34.47 33.03
N VAL D 148 11.56 33.38 32.48
CA VAL D 148 12.34 32.45 31.67
C VAL D 148 11.93 32.67 30.23
N LYS D 149 12.86 33.17 29.42
CA LYS D 149 12.54 33.65 28.08
C LYS D 149 13.51 33.07 27.05
N ASP D 150 12.98 32.82 25.85
CA ASP D 150 13.76 32.46 24.67
C ASP D 150 14.57 31.18 24.90
N TYR D 151 13.84 30.08 25.07
CA TYR D 151 14.43 28.75 25.16
C TYR D 151 13.72 27.80 24.22
N PHE D 152 14.43 26.73 23.84
CA PHE D 152 13.88 25.69 22.99
C PHE D 152 14.77 24.46 23.09
N PRO D 153 14.21 23.25 23.16
CA PRO D 153 12.78 22.94 23.22
C PRO D 153 12.28 22.79 24.65
N GLU D 154 10.99 22.52 24.84
CA GLU D 154 10.46 22.26 26.16
C GLU D 154 10.98 20.91 26.67
N PRO D 155 10.93 20.69 28.00
CA PRO D 155 10.41 21.54 29.07
C PRO D 155 11.47 22.23 29.91
N VAL D 156 11.04 23.14 30.77
CA VAL D 156 11.90 23.79 31.76
C VAL D 156 11.24 23.65 33.12
N THR D 157 11.96 23.10 34.08
CA THR D 157 11.49 22.96 35.45
C THR D 157 12.02 24.12 36.28
N VAL D 158 11.14 24.75 37.05
CA VAL D 158 11.49 25.91 37.86
C VAL D 158 11.20 25.57 39.32
N SER D 159 12.21 25.74 40.18
CA SER D 159 12.08 25.54 41.61
C SER D 159 12.60 26.77 42.33
N TRP D 160 12.14 26.94 43.57
CA TRP D 160 12.52 28.08 44.40
C TRP D 160 13.22 27.59 45.66
N ASN D 161 14.41 28.13 45.92
CA ASN D 161 15.22 27.77 47.07
C ASN D 161 15.47 26.26 47.13
N SER D 162 15.81 25.69 45.97
CA SER D 162 16.10 24.26 45.83
C SER D 162 14.93 23.40 46.33
N GLY D 163 13.72 23.84 46.02
CA GLY D 163 12.52 23.12 46.43
C GLY D 163 12.05 23.37 47.84
N ALA D 164 12.72 24.26 48.58
CA ALA D 164 12.28 24.55 49.95
C ALA D 164 10.98 25.35 49.96
N LEU D 165 10.82 26.26 49.02
CA LEU D 165 9.61 27.07 48.90
C LEU D 165 8.72 26.47 47.81
N THR D 166 7.55 25.97 48.23
CA THR D 166 6.59 25.38 47.30
C THR D 166 5.18 25.94 47.40
N SER D 167 4.81 26.52 48.54
CA SER D 167 3.48 27.10 48.69
C SER D 167 3.44 28.49 48.05
N GLY D 168 2.34 28.78 47.36
CA GLY D 168 2.20 30.05 46.68
C GLY D 168 2.97 30.18 45.39
N VAL D 169 3.54 29.09 44.88
CA VAL D 169 4.31 29.11 43.65
C VAL D 169 3.39 28.84 42.47
N HIS D 170 3.42 29.72 41.48
CA HIS D 170 2.62 29.58 40.27
C HIS D 170 3.54 29.65 39.06
N THR D 171 3.84 28.49 38.47
CA THR D 171 4.63 28.41 37.25
C THR D 171 3.68 28.27 36.07
N PHE D 172 3.60 29.32 35.25
CA PHE D 172 2.62 29.35 34.18
C PHE D 172 3.02 28.42 33.04
N PRO D 173 2.05 27.88 32.30
CA PRO D 173 2.38 27.06 31.14
C PRO D 173 3.16 27.84 30.10
N ALA D 174 4.07 27.15 29.43
CA ALA D 174 4.91 27.79 28.42
C ALA D 174 4.05 28.27 27.26
N VAL D 175 4.44 29.42 26.68
CA VAL D 175 3.74 30.01 25.55
C VAL D 175 4.74 30.15 24.40
N LEU D 176 4.31 29.74 23.21
CA LEU D 176 5.17 29.82 22.03
C LEU D 176 5.13 31.24 21.47
N GLN D 177 6.29 31.87 21.40
CA GLN D 177 6.38 33.22 20.82
C GLN D 177 6.36 33.14 19.29
N SER D 178 6.17 34.30 18.68
CA SER D 178 6.24 34.39 17.23
C SER D 178 7.64 34.07 16.71
N SER D 179 8.66 34.22 17.54
CA SER D 179 10.04 33.90 17.17
C SER D 179 10.29 32.40 17.03
N GLY D 180 9.32 31.57 17.43
CA GLY D 180 9.52 30.13 17.43
C GLY D 180 10.12 29.57 18.69
N LEU D 181 10.31 30.39 19.72
CA LEU D 181 10.87 29.98 20.99
C LEU D 181 9.79 30.05 22.07
N TYR D 182 10.15 29.64 23.29
CA TYR D 182 9.22 29.58 24.40
C TYR D 182 9.60 30.58 25.48
N SER D 183 8.59 31.14 26.13
CA SER D 183 8.77 32.04 27.26
C SER D 183 7.88 31.58 28.40
N LEU D 184 8.37 31.76 29.63
CA LEU D 184 7.69 31.25 30.80
C LEU D 184 7.97 32.16 31.99
N SER D 185 6.98 32.29 32.87
CA SER D 185 7.11 33.08 34.09
C SER D 185 6.67 32.24 35.28
N SER D 186 7.38 32.38 36.39
CA SER D 186 7.04 31.69 37.63
C SER D 186 7.10 32.70 38.76
N VAL D 187 5.98 32.86 39.48
CA VAL D 187 5.86 33.86 40.53
C VAL D 187 5.47 33.18 41.83
N VAL D 188 5.85 33.82 42.94
CA VAL D 188 5.56 33.32 44.28
C VAL D 188 4.95 34.44 45.11
N THR D 189 4.24 34.06 46.16
CA THR D 189 3.61 35.00 47.09
C THR D 189 4.29 34.86 48.45
N VAL D 190 4.84 35.97 48.94
CA VAL D 190 5.53 35.98 50.24
C VAL D 190 5.12 37.22 51.00
N PRO D 191 5.19 37.15 52.34
CA PRO D 191 4.90 38.34 53.15
C PRO D 191 5.87 39.47 52.83
N SER D 192 5.35 40.70 52.83
CA SER D 192 6.15 41.87 52.50
C SER D 192 7.17 42.21 53.58
N SER D 193 7.10 41.58 54.75
CA SER D 193 8.04 41.83 55.82
C SER D 193 9.30 40.96 55.72
N SER D 194 9.42 40.13 54.69
CA SER D 194 10.57 39.26 54.51
C SER D 194 11.42 39.64 53.32
N LEU D 195 11.11 40.75 52.64
CA LEU D 195 11.89 41.16 51.47
C LEU D 195 13.32 41.53 51.86
N GLY D 196 13.49 42.29 52.95
CA GLY D 196 14.83 42.72 53.34
C GLY D 196 15.65 41.66 54.02
N THR D 197 15.02 40.63 54.59
CA THR D 197 15.74 39.58 55.31
C THR D 197 15.90 38.31 54.49
N GLN D 198 14.79 37.74 54.01
CA GLN D 198 14.85 36.50 53.26
C GLN D 198 15.39 36.73 51.86
N THR D 199 16.19 35.79 51.39
CA THR D 199 16.73 35.80 50.03
C THR D 199 16.03 34.75 49.20
N TYR D 200 15.50 35.15 48.05
CA TYR D 200 14.75 34.26 47.18
C TYR D 200 15.54 34.02 45.91
N ILE D 201 15.75 32.74 45.59
CA ILE D 201 16.49 32.33 44.40
C ILE D 201 15.65 31.30 43.65
N CYS D 202 15.46 31.51 42.35
CA CYS D 202 14.72 30.60 41.50
C CYS D 202 15.69 29.70 40.76
N ASN D 203 15.42 28.39 40.78
CA ASN D 203 16.27 27.41 40.14
C ASN D 203 15.64 27.01 38.81
N VAL D 204 16.22 27.49 37.72
CA VAL D 204 15.74 27.22 36.37
C VAL D 204 16.67 26.22 35.71
N ASN D 205 16.16 25.03 35.41
CA ASN D 205 16.93 23.98 34.77
C ASN D 205 16.26 23.60 33.46
N HIS D 206 16.99 23.75 32.36
CA HIS D 206 16.53 23.38 31.02
C HIS D 206 17.38 22.19 30.57
N LYS D 207 16.87 20.98 30.81
CA LYS D 207 17.65 19.78 30.53
C LYS D 207 18.10 19.65 29.08
N PRO D 208 17.25 19.89 28.05
CA PRO D 208 17.78 19.80 26.69
C PRO D 208 18.55 21.05 26.28
N SER D 209 19.30 21.61 27.22
CA SER D 209 20.34 22.60 26.93
C SER D 209 21.53 22.46 27.85
N ASN D 210 21.48 21.56 28.84
CA ASN D 210 22.47 21.50 29.91
C ASN D 210 22.66 22.86 30.57
N THR D 211 21.56 23.55 30.82
CA THR D 211 21.57 24.88 31.42
C THR D 211 20.94 24.83 32.80
N LYS D 212 21.67 25.33 33.80
CA LYS D 212 21.19 25.41 35.17
C LYS D 212 21.53 26.79 35.71
N VAL D 213 20.51 27.61 35.96
CA VAL D 213 20.68 28.99 36.38
C VAL D 213 20.03 29.17 37.75
N ASP D 214 20.78 29.74 38.70
CA ASP D 214 20.29 30.06 40.03
C ASP D 214 20.31 31.57 40.16
N LYS D 215 19.20 32.20 39.83
CA LYS D 215 19.09 33.66 39.80
C LYS D 215 18.47 34.15 41.10
N LYS D 216 19.11 35.12 41.73
CA LYS D 216 18.63 35.72 42.97
C LYS D 216 17.83 36.97 42.66
N VAL D 217 16.70 37.14 43.34
CA VAL D 217 15.81 38.28 43.13
C VAL D 217 15.76 39.10 44.40
N GLU D 218 15.82 40.42 44.25
CA GLU D 218 15.80 41.34 45.37
C GLU D 218 15.21 42.66 44.89
N PRO D 219 14.65 43.47 45.80
CA PRO D 219 14.01 44.72 45.37
C PRO D 219 15.02 45.69 44.78
N LYS D 220 14.52 46.51 43.85
CA LYS D 220 15.35 47.49 43.16
C LYS D 220 15.67 48.68 44.06
N ASP E 1 -17.64 8.73 8.10
CA ASP E 1 -17.21 9.85 8.92
C ASP E 1 -18.35 10.32 9.83
N ILE E 2 -18.57 9.58 10.92
CA ILE E 2 -19.63 9.90 11.86
C ILE E 2 -19.16 11.04 12.76
N GLN E 3 -19.97 12.09 12.84
CA GLN E 3 -19.62 13.30 13.59
C GLN E 3 -20.23 13.23 14.98
N LEU E 4 -19.41 13.55 15.99
CA LEU E 4 -19.86 13.66 17.37
C LEU E 4 -19.60 15.07 17.86
N THR E 5 -20.68 15.77 18.23
CA THR E 5 -20.60 17.11 18.81
C THR E 5 -21.17 17.05 20.21
N GLN E 6 -20.37 17.47 21.19
CA GLN E 6 -20.75 17.40 22.60
C GLN E 6 -20.82 18.80 23.20
N SER E 7 -21.81 19.01 24.04
CA SER E 7 -22.04 20.28 24.73
C SER E 7 -22.32 20.02 26.20
N PRO E 8 -21.98 20.98 27.07
CA PRO E 8 -21.31 22.26 26.82
C PRO E 8 -19.79 22.12 26.69
N ASP E 9 -19.11 23.13 26.15
CA ASP E 9 -17.65 23.09 26.07
C ASP E 9 -17.02 23.10 27.47
N SER E 10 -17.57 23.90 28.38
CA SER E 10 -17.07 24.02 29.73
C SER E 10 -18.20 23.78 30.72
N LEU E 11 -17.84 23.34 31.92
CA LEU E 11 -18.83 23.07 32.96
C LEU E 11 -18.21 23.31 34.32
N ALA E 12 -18.93 24.04 35.18
CA ALA E 12 -18.48 24.35 36.53
C ALA E 12 -19.52 23.80 37.51
N VAL E 13 -19.11 22.82 38.31
CA VAL E 13 -19.98 22.16 39.27
C VAL E 13 -19.29 22.16 40.63
N SER E 14 -20.09 22.25 41.68
CA SER E 14 -19.58 22.31 43.04
C SER E 14 -19.40 20.90 43.61
N LEU E 15 -18.79 20.84 44.79
CA LEU E 15 -18.60 19.57 45.48
C LEU E 15 -19.94 18.99 45.90
N GLY E 16 -20.09 17.68 45.73
CA GLY E 16 -21.34 17.01 46.06
C GLY E 16 -22.51 17.45 45.20
N GLU E 17 -22.29 17.66 43.90
CA GLU E 17 -23.33 18.07 42.96
C GLU E 17 -23.23 17.19 41.72
N ARG E 18 -24.14 17.40 40.79
CA ARG E 18 -24.25 16.58 39.58
C ARG E 18 -23.75 17.35 38.37
N ALA E 19 -22.93 16.70 37.54
CA ALA E 19 -22.46 17.24 36.28
C ALA E 19 -23.06 16.43 35.13
N THR E 20 -23.44 17.11 34.06
CA THR E 20 -24.07 16.46 32.91
C THR E 20 -23.40 16.92 31.62
N ILE E 21 -23.04 15.96 30.79
CA ILE E 21 -22.43 16.22 29.48
C ILE E 21 -23.23 15.46 28.43
N ASN E 22 -23.61 16.15 27.35
CA ASN E 22 -24.33 15.55 26.25
C ASN E 22 -23.39 15.26 25.08
N CYS E 23 -23.80 14.33 24.23
CA CYS E 23 -23.04 13.95 23.05
C CYS E 23 -24.01 13.64 21.92
N LYS E 24 -23.92 14.39 20.83
CA LYS E 24 -24.81 14.25 19.69
C LYS E 24 -24.10 13.50 18.57
N SER E 25 -24.77 12.52 17.98
CA SER E 25 -24.20 11.69 16.93
C SER E 25 -24.94 11.93 15.62
N SER E 26 -24.19 11.86 14.51
CA SER E 26 -24.76 12.05 13.19
C SER E 26 -25.32 10.77 12.58
N GLN E 27 -25.09 9.61 13.20
CA GLN E 27 -25.63 8.34 12.74
C GLN E 27 -25.96 7.48 13.95
N THR E 28 -26.91 6.57 13.75
CA THR E 28 -27.22 5.58 14.78
C THR E 28 -26.02 4.66 14.97
N LEU E 29 -25.65 4.43 16.22
CA LEU E 29 -24.49 3.62 16.58
C LEU E 29 -24.92 2.28 17.18
N LEU E 30 -26.02 1.72 16.67
CA LEU E 30 -26.63 0.53 17.24
C LEU E 30 -26.41 -0.66 16.30
N TYR E 31 -25.83 -1.73 16.85
CA TYR E 31 -25.64 -2.96 16.10
C TYR E 31 -26.90 -3.80 16.13
N SER E 32 -27.23 -4.40 14.99
CA SER E 32 -28.44 -5.21 14.89
C SER E 32 -28.35 -6.45 15.77
N SER E 33 -27.19 -7.10 15.80
CA SER E 33 -27.05 -8.39 16.46
C SER E 33 -26.72 -8.29 17.95
N ILE E 34 -26.43 -7.09 18.47
CA ILE E 34 -25.97 -6.95 19.85
C ILE E 34 -26.96 -6.12 20.65
N ASN E 35 -27.69 -5.24 19.97
CA ASN E 35 -28.64 -4.34 20.62
C ASN E 35 -27.95 -3.47 21.67
N LYS E 36 -26.77 -2.96 21.33
CA LYS E 36 -26.01 -2.04 22.17
C LYS E 36 -25.50 -0.89 21.32
N ASN E 37 -25.57 0.32 21.86
CA ASN E 37 -25.01 1.48 21.17
C ASN E 37 -23.50 1.52 21.36
N TYR E 38 -22.77 1.65 20.26
CA TYR E 38 -21.30 1.58 20.29
C TYR E 38 -20.74 2.99 20.45
N LEU E 39 -20.83 3.49 21.68
CA LEU E 39 -20.30 4.79 22.05
C LEU E 39 -19.55 4.63 23.38
N ALA E 40 -18.47 5.39 23.54
CA ALA E 40 -17.62 5.28 24.72
C ALA E 40 -17.32 6.65 25.29
N TRP E 41 -17.02 6.68 26.58
CA TRP E 41 -16.66 7.90 27.29
C TRP E 41 -15.26 7.75 27.87
N TYR E 42 -14.46 8.81 27.73
CA TYR E 42 -13.09 8.82 28.20
C TYR E 42 -12.83 10.01 29.10
N GLN E 43 -11.92 9.83 30.05
CA GLN E 43 -11.50 10.87 30.98
C GLN E 43 -10.02 11.13 30.80
N GLN E 44 -9.63 12.39 30.65
CA GLN E 44 -8.24 12.79 30.47
C GLN E 44 -7.90 13.89 31.46
N LYS E 45 -7.28 13.51 32.58
CA LYS E 45 -6.75 14.50 33.51
C LYS E 45 -5.54 15.18 32.88
N PRO E 46 -5.27 16.44 33.25
CA PRO E 46 -4.17 17.18 32.61
C PRO E 46 -2.83 16.45 32.79
N GLY E 47 -2.05 16.44 31.72
CA GLY E 47 -0.73 15.82 31.75
C GLY E 47 -0.73 14.31 31.77
N GLN E 48 -1.88 13.67 31.54
CA GLN E 48 -1.99 12.22 31.60
C GLN E 48 -2.74 11.69 30.40
N PRO E 49 -2.46 10.45 29.99
CA PRO E 49 -3.16 9.87 28.83
C PRO E 49 -4.63 9.62 29.15
N PRO E 50 -5.48 9.54 28.12
CA PRO E 50 -6.91 9.33 28.37
C PRO E 50 -7.18 7.97 29.01
N LYS E 51 -8.26 7.93 29.81
CA LYS E 51 -8.67 6.74 30.52
C LYS E 51 -10.12 6.43 30.17
N LEU E 52 -10.39 5.16 29.83
CA LEU E 52 -11.73 4.75 29.46
C LEU E 52 -12.61 4.62 30.70
N LEU E 53 -13.80 5.20 30.64
CA LEU E 53 -14.76 5.15 31.74
C LEU E 53 -15.93 4.24 31.44
N ILE E 54 -16.64 4.46 30.34
CA ILE E 54 -17.88 3.76 30.03
C ILE E 54 -17.86 3.31 28.59
N TYR E 55 -18.25 2.06 28.35
CA TYR E 55 -18.42 1.54 27.00
C TYR E 55 -19.83 0.98 26.86
N TRP E 56 -20.32 0.95 25.61
CA TRP E 56 -21.68 0.55 25.27
C TRP E 56 -22.73 1.48 25.87
N THR E 57 -22.31 2.68 26.30
CA THR E 57 -23.16 3.75 26.80
C THR E 57 -23.84 3.41 28.12
N SER E 58 -23.71 2.17 28.57
CA SER E 58 -24.30 1.78 29.84
C SER E 58 -23.32 1.07 30.77
N THR E 59 -22.42 0.25 30.23
CA THR E 59 -21.54 -0.55 31.05
C THR E 59 -20.35 0.29 31.53
N ARG E 60 -20.01 0.14 32.81
CA ARG E 60 -18.94 0.89 33.43
C ARG E 60 -17.67 0.04 33.47
N GLU E 61 -16.54 0.65 33.11
CA GLU E 61 -15.27 -0.05 33.15
C GLU E 61 -14.93 -0.45 34.58
N SER E 62 -14.36 -1.63 34.75
CA SER E 62 -14.01 -2.12 36.08
C SER E 62 -13.02 -1.18 36.75
N GLY E 63 -13.31 -0.84 38.01
CA GLY E 63 -12.50 0.11 38.75
C GLY E 63 -13.04 1.53 38.75
N VAL E 64 -13.89 1.87 37.80
CA VAL E 64 -14.50 3.20 37.78
C VAL E 64 -15.48 3.33 38.95
N PRO E 65 -15.38 4.39 39.75
CA PRO E 65 -16.36 4.59 40.82
C PRO E 65 -17.77 4.71 40.25
N ASP E 66 -18.74 4.17 40.99
CA ASP E 66 -20.11 4.06 40.50
C ASP E 66 -20.83 5.41 40.39
N ARG E 67 -20.17 6.52 40.73
CA ARG E 67 -20.79 7.82 40.55
C ARG E 67 -20.86 8.24 39.08
N PHE E 68 -20.20 7.51 38.19
CA PHE E 68 -20.26 7.76 36.76
C PHE E 68 -21.31 6.85 36.13
N SER E 69 -22.21 7.43 35.34
CA SER E 69 -23.28 6.69 34.70
C SER E 69 -23.49 7.19 33.29
N GLY E 70 -23.76 6.28 32.36
CA GLY E 70 -24.05 6.63 30.99
C GLY E 70 -25.50 6.43 30.64
N SER E 71 -25.97 7.10 29.58
CA SER E 71 -27.36 7.01 29.18
C SER E 71 -27.50 7.48 27.74
N GLY E 72 -28.65 7.20 27.16
CA GLY E 72 -28.99 7.67 25.83
C GLY E 72 -29.04 6.54 24.81
N SER E 73 -29.72 6.83 23.70
CA SER E 73 -29.83 5.88 22.59
C SER E 73 -30.12 6.66 21.32
N GLY E 74 -29.94 5.99 20.19
CA GLY E 74 -30.17 6.62 18.90
C GLY E 74 -29.02 7.52 18.49
N THR E 75 -29.22 8.82 18.58
CA THR E 75 -28.18 9.80 18.28
C THR E 75 -27.83 10.67 19.48
N ASP E 76 -28.49 10.49 20.62
CA ASP E 76 -28.26 11.29 21.81
C ASP E 76 -27.69 10.41 22.91
N PHE E 77 -26.59 10.85 23.51
CA PHE E 77 -25.98 10.15 24.63
C PHE E 77 -25.56 11.16 25.68
N THR E 78 -25.69 10.79 26.96
CA THR E 78 -25.41 11.69 28.07
C THR E 78 -24.52 11.00 29.09
N LEU E 79 -23.61 11.78 29.67
CA LEU E 79 -22.75 11.32 30.76
C LEU E 79 -23.09 12.12 32.02
N THR E 80 -23.32 11.40 33.13
CA THR E 80 -23.73 12.01 34.38
C THR E 80 -22.73 11.67 35.48
N ILE E 81 -22.24 12.70 36.16
CA ILE E 81 -21.32 12.54 37.27
C ILE E 81 -22.02 13.09 38.51
N SER E 82 -22.60 12.21 39.31
CA SER E 82 -23.23 12.62 40.56
C SER E 82 -22.17 12.70 41.66
N SER E 83 -22.33 13.69 42.54
CA SER E 83 -21.40 13.94 43.64
C SER E 83 -19.98 14.18 43.11
N LEU E 84 -19.84 15.27 42.36
CA LEU E 84 -18.54 15.62 41.79
C LEU E 84 -17.54 15.91 42.91
N GLN E 85 -16.33 15.38 42.76
CA GLN E 85 -15.25 15.54 43.72
C GLN E 85 -14.09 16.28 43.07
N ALA E 86 -13.03 16.46 43.86
CA ALA E 86 -11.87 17.20 43.38
C ALA E 86 -11.07 16.41 42.34
N GLU E 87 -11.08 15.09 42.43
CA GLU E 87 -10.29 14.25 41.53
C GLU E 87 -10.97 13.99 40.19
N ASP E 88 -12.18 14.48 39.99
CA ASP E 88 -12.91 14.31 38.73
C ASP E 88 -12.69 15.46 37.77
N VAL E 89 -11.83 16.42 38.12
CA VAL E 89 -11.53 17.54 37.23
C VAL E 89 -10.67 17.02 36.08
N ALA E 90 -11.22 17.06 34.87
CA ALA E 90 -10.53 16.57 33.67
C ALA E 90 -11.32 17.04 32.46
N VAL E 91 -10.90 16.57 31.28
CA VAL E 91 -11.62 16.79 30.03
C VAL E 91 -12.18 15.46 29.57
N TYR E 92 -13.47 15.43 29.25
CA TYR E 92 -14.18 14.21 28.92
C TYR E 92 -14.53 14.20 27.44
N TYR E 93 -14.23 13.09 26.78
CA TYR E 93 -14.50 12.90 25.36
C TYR E 93 -15.46 11.73 25.16
N CYS E 94 -16.39 11.88 24.21
CA CYS E 94 -17.23 10.78 23.78
C CYS E 94 -16.72 10.28 22.44
N GLN E 95 -16.41 8.99 22.36
CA GLN E 95 -15.88 8.37 21.15
C GLN E 95 -16.80 7.26 20.69
N GLN E 96 -17.04 7.20 19.39
CA GLN E 96 -17.81 6.12 18.79
C GLN E 96 -16.84 5.10 18.17
N TYR E 97 -17.13 3.83 18.39
CA TYR E 97 -16.41 2.74 17.75
C TYR E 97 -17.36 1.83 16.98
N TYR E 98 -18.43 2.42 16.43
CA TYR E 98 -19.36 1.66 15.61
C TYR E 98 -18.69 1.11 14.36
N SER E 99 -17.86 1.93 13.71
CA SER E 99 -17.12 1.51 12.54
C SER E 99 -15.97 2.46 12.30
N THR E 100 -14.91 1.94 11.69
CA THR E 100 -13.77 2.79 11.35
C THR E 100 -14.16 3.76 10.23
N PRO E 101 -13.62 4.98 10.25
CA PRO E 101 -12.69 5.56 11.22
C PRO E 101 -13.36 5.93 12.54
N TYR E 102 -12.70 5.69 13.66
CA TYR E 102 -13.22 6.13 14.95
C TYR E 102 -13.16 7.65 15.04
N THR E 103 -14.14 8.23 15.74
CA THR E 103 -14.22 9.67 15.88
C THR E 103 -14.46 10.04 17.35
N PHE E 104 -13.91 11.18 17.75
CA PHE E 104 -14.04 11.71 19.10
C PHE E 104 -14.83 13.02 19.07
N GLY E 105 -15.30 13.43 20.23
CA GLY E 105 -15.87 14.76 20.39
C GLY E 105 -14.79 15.79 20.62
N GLN E 106 -15.19 17.07 20.57
CA GLN E 106 -14.23 18.15 20.76
C GLN E 106 -13.77 18.27 22.21
N GLY E 107 -14.41 17.58 23.14
CA GLY E 107 -13.99 17.59 24.53
C GLY E 107 -14.84 18.51 25.38
N THR E 108 -14.92 18.19 26.67
CA THR E 108 -15.71 18.96 27.62
C THR E 108 -14.85 19.21 28.86
N LYS E 109 -14.59 20.49 29.14
CA LYS E 109 -13.81 20.87 30.31
C LYS E 109 -14.71 20.93 31.54
N VAL E 110 -14.26 20.33 32.64
CA VAL E 110 -15.01 20.27 33.89
C VAL E 110 -14.16 20.84 35.00
N GLU E 111 -14.74 21.74 35.79
CA GLU E 111 -14.02 22.40 36.88
C GLU E 111 -14.95 22.55 38.08
N ILE E 112 -14.33 22.79 39.25
CA ILE E 112 -15.06 23.02 40.48
C ILE E 112 -15.63 24.44 40.47
N LYS E 113 -16.56 24.73 41.38
CA LYS E 113 -17.11 26.07 41.54
C LYS E 113 -16.74 26.60 42.91
N ARG E 114 -16.23 27.82 42.96
CA ARG E 114 -15.72 28.42 44.18
C ARG E 114 -16.40 29.77 44.41
N THR E 115 -16.35 30.23 45.67
CA THR E 115 -16.79 31.59 45.97
C THR E 115 -15.96 32.58 45.17
N VAL E 116 -16.64 33.60 44.63
CA VAL E 116 -15.98 34.55 43.74
C VAL E 116 -14.87 35.25 44.48
N ALA E 117 -13.69 35.30 43.87
CA ALA E 117 -12.51 35.90 44.47
C ALA E 117 -11.94 36.94 43.52
N ALA E 118 -11.66 38.14 44.05
CA ALA E 118 -11.07 39.21 43.25
C ALA E 118 -9.58 38.95 43.03
N PRO E 119 -9.08 39.19 41.83
CA PRO E 119 -7.65 38.94 41.57
C PRO E 119 -6.76 39.94 42.30
N SER E 120 -5.54 39.48 42.62
CA SER E 120 -4.51 40.34 43.18
C SER E 120 -3.59 40.75 42.04
N VAL E 121 -3.65 42.02 41.65
CA VAL E 121 -2.96 42.50 40.46
C VAL E 121 -1.60 43.06 40.85
N PHE E 122 -0.56 42.56 40.18
CA PHE E 122 0.80 43.07 40.32
C PHE E 122 1.39 43.27 38.93
N ILE E 123 2.30 44.23 38.82
CA ILE E 123 2.97 44.54 37.57
C ILE E 123 4.48 44.60 37.82
N PHE E 124 5.24 44.03 36.88
CA PHE E 124 6.69 43.93 37.02
C PHE E 124 7.37 44.62 35.84
N PRO E 125 8.17 45.67 36.07
CA PRO E 125 8.90 46.30 34.97
C PRO E 125 10.01 45.39 34.47
N PRO E 126 10.45 45.55 33.22
CA PRO E 126 11.54 44.73 32.72
C PRO E 126 12.83 44.96 33.49
N SER E 127 13.58 43.88 33.69
CA SER E 127 14.80 43.96 34.48
C SER E 127 15.92 44.64 33.70
N ASP E 128 16.92 45.11 34.44
CA ASP E 128 18.05 45.82 33.82
C ASP E 128 18.79 44.91 32.86
N GLU E 129 19.00 43.64 33.24
CA GLU E 129 19.74 42.71 32.40
C GLU E 129 19.03 42.47 31.07
N GLN E 130 17.70 42.34 31.11
CA GLN E 130 16.95 42.13 29.88
C GLN E 130 17.02 43.34 28.96
N LEU E 131 17.07 44.55 29.54
CA LEU E 131 17.21 45.75 28.72
C LEU E 131 18.51 45.75 27.93
N LYS E 132 19.56 45.12 28.47
CA LYS E 132 20.82 45.03 27.75
C LYS E 132 20.68 44.24 26.45
N SER E 133 19.72 43.32 26.40
CA SER E 133 19.50 42.49 25.22
C SER E 133 18.67 43.19 24.15
N GLY E 134 18.29 44.46 24.36
CA GLY E 134 17.53 45.19 23.38
C GLY E 134 16.05 44.89 23.35
N THR E 135 15.54 44.10 24.29
CA THR E 135 14.13 43.78 24.37
C THR E 135 13.65 43.97 25.80
N ALA E 136 12.51 44.63 25.96
CA ALA E 136 11.92 44.87 27.28
C ALA E 136 10.59 44.13 27.36
N SER E 137 10.40 43.39 28.45
CA SER E 137 9.17 42.64 28.69
C SER E 137 8.56 43.07 30.00
N VAL E 138 7.26 43.40 29.98
CA VAL E 138 6.53 43.82 31.15
C VAL E 138 5.52 42.73 31.50
N VAL E 139 5.52 42.30 32.76
CA VAL E 139 4.70 41.19 33.21
C VAL E 139 3.64 41.72 34.17
N CYS E 140 2.38 41.36 33.91
CA CYS E 140 1.26 41.70 34.79
C CYS E 140 0.67 40.40 35.32
N LEU E 141 0.46 40.34 36.63
CA LEU E 141 0.07 39.11 37.32
C LEU E 141 -1.31 39.27 37.94
N LEU E 142 -2.18 38.30 37.67
CA LEU E 142 -3.48 38.17 38.34
C LEU E 142 -3.44 36.87 39.12
N ASN E 143 -3.44 36.97 40.45
CA ASN E 143 -3.20 35.82 41.32
C ASN E 143 -4.45 35.47 42.11
N ASN E 144 -4.79 34.17 42.11
CA ASN E 144 -5.83 33.61 42.97
C ASN E 144 -7.19 34.29 42.74
N PHE E 145 -7.71 34.10 41.53
CA PHE E 145 -9.02 34.64 41.17
C PHE E 145 -9.90 33.54 40.61
N TYR E 146 -11.22 33.73 40.76
CA TYR E 146 -12.24 32.84 40.24
C TYR E 146 -13.44 33.70 39.89
N PRO E 147 -14.09 33.47 38.73
CA PRO E 147 -13.85 32.42 37.74
C PRO E 147 -12.66 32.70 36.82
N ARG E 148 -12.37 31.78 35.90
CA ARG E 148 -11.20 31.90 35.05
C ARG E 148 -11.31 33.09 34.11
N GLU E 149 -12.52 33.49 33.72
CA GLU E 149 -12.70 34.59 32.79
C GLU E 149 -12.17 35.89 33.38
N ALA E 150 -11.41 36.63 32.58
CA ALA E 150 -10.86 37.91 32.99
C ALA E 150 -10.43 38.68 31.74
N LYS E 151 -10.43 40.00 31.85
CA LYS E 151 -10.05 40.89 30.76
C LYS E 151 -8.82 41.69 31.17
N VAL E 152 -7.79 41.67 30.33
CA VAL E 152 -6.53 42.36 30.60
C VAL E 152 -6.21 43.24 29.40
N GLN E 153 -5.93 44.52 29.65
CA GLN E 153 -5.58 45.47 28.61
C GLN E 153 -4.30 46.19 28.98
N TRP E 154 -3.44 46.40 27.99
CA TRP E 154 -2.17 47.10 28.19
C TRP E 154 -2.27 48.52 27.69
N LYS E 155 -1.92 49.47 28.56
CA LYS E 155 -1.95 50.90 28.25
C LYS E 155 -0.55 51.45 28.41
N VAL E 156 0.04 51.90 27.31
CA VAL E 156 1.39 52.45 27.29
C VAL E 156 1.27 53.90 26.82
N ASP E 157 1.32 54.83 27.77
CA ASP E 157 0.97 56.23 27.51
C ASP E 157 -0.41 56.31 26.86
N ASN E 158 -1.35 55.53 27.40
CA ASN E 158 -2.68 55.35 26.82
C ASN E 158 -2.57 54.80 25.41
N ALA E 159 -3.64 54.97 24.62
CA ALA E 159 -3.70 54.63 23.20
C ALA E 159 -3.73 53.11 22.97
N LEU E 160 -3.57 52.34 24.05
CA LEU E 160 -3.71 50.88 24.03
C LEU E 160 -2.67 50.19 23.15
N GLN E 161 -2.45 48.89 23.39
CA GLN E 161 -1.60 48.05 22.54
C GLN E 161 -2.40 46.84 22.10
N SER E 162 -2.20 46.44 20.84
CA SER E 162 -2.93 45.31 20.26
C SER E 162 -1.94 44.44 19.50
N GLY E 163 -1.63 43.27 20.06
CA GLY E 163 -0.81 42.28 19.38
C GLY E 163 0.59 42.11 19.94
N ASN E 164 0.98 42.87 20.96
CA ASN E 164 2.33 42.77 21.53
C ASN E 164 2.34 42.09 22.89
N SER E 165 1.27 41.37 23.24
CA SER E 165 1.19 40.72 24.53
C SER E 165 0.64 39.30 24.37
N GLN E 166 1.02 38.44 25.31
CA GLN E 166 0.53 37.07 25.37
C GLN E 166 0.12 36.74 26.80
N GLU E 167 -0.81 35.81 26.94
CA GLU E 167 -1.37 35.44 28.24
C GLU E 167 -1.18 33.96 28.50
N SER E 168 -0.86 33.62 29.75
CA SER E 168 -0.73 32.24 30.20
C SER E 168 -1.53 32.07 31.48
N VAL E 169 -2.35 31.03 31.54
CA VAL E 169 -3.24 30.77 32.66
C VAL E 169 -2.93 29.41 33.23
N THR E 170 -2.88 29.34 34.57
CA THR E 170 -2.61 28.09 35.26
C THR E 170 -3.90 27.29 35.46
N GLU E 171 -3.76 26.02 35.80
CA GLU E 171 -4.89 25.17 36.14
C GLU E 171 -5.46 25.59 37.49
N GLN E 172 -6.62 25.01 37.83
CA GLN E 172 -7.21 25.27 39.13
C GLN E 172 -6.30 24.76 40.24
N ASP E 173 -6.14 25.58 41.28
CA ASP E 173 -5.31 25.18 42.41
C ASP E 173 -5.96 24.02 43.15
N SER E 174 -5.11 23.09 43.60
CA SER E 174 -5.60 21.84 44.18
C SER E 174 -6.32 22.02 45.51
N LYS E 175 -6.17 23.18 46.16
CA LYS E 175 -6.77 23.39 47.48
C LYS E 175 -7.86 24.46 47.45
N ASP E 176 -7.56 25.67 46.99
CA ASP E 176 -8.53 26.75 47.00
C ASP E 176 -9.28 26.91 45.69
N SER E 177 -8.91 26.15 44.65
CA SER E 177 -9.61 26.15 43.37
C SER E 177 -9.71 27.56 42.77
N THR E 178 -8.57 28.23 42.68
CA THR E 178 -8.47 29.55 42.10
C THR E 178 -7.70 29.49 40.78
N TYR E 179 -7.52 30.64 40.16
CA TYR E 179 -6.80 30.75 38.89
C TYR E 179 -5.73 31.83 38.99
N SER E 180 -4.69 31.68 38.17
CA SER E 180 -3.63 32.66 38.06
C SER E 180 -3.36 32.95 36.59
N LEU E 181 -3.20 34.23 36.25
CA LEU E 181 -3.02 34.67 34.88
C LEU E 181 -1.84 35.63 34.80
N SER E 182 -0.99 35.43 33.80
CA SER E 182 0.15 36.30 33.55
C SER E 182 0.11 36.76 32.10
N SER E 183 0.14 38.07 31.90
CA SER E 183 0.19 38.67 30.57
C SER E 183 1.50 39.43 30.43
N THR E 184 2.28 39.09 29.41
CA THR E 184 3.60 39.67 29.20
C THR E 184 3.59 40.51 27.93
N LEU E 185 3.98 41.77 28.05
CA LEU E 185 4.04 42.70 26.92
C LEU E 185 5.49 42.81 26.46
N THR E 186 5.74 42.45 25.20
CA THR E 186 7.09 42.41 24.66
C THR E 186 7.29 43.56 23.68
N LEU E 187 8.34 44.34 23.90
CA LEU E 187 8.69 45.46 23.03
C LEU E 187 10.21 45.59 23.00
N SER E 188 10.71 46.16 21.90
CA SER E 188 12.13 46.47 21.82
C SER E 188 12.48 47.63 22.73
N LYS E 189 13.78 47.77 23.03
CA LYS E 189 14.21 48.87 23.88
C LYS E 189 13.93 50.22 23.24
N ALA E 190 14.03 50.30 21.91
CA ALA E 190 13.75 51.55 21.22
C ALA E 190 12.31 52.00 21.44
N ASP E 191 11.35 51.07 21.27
CA ASP E 191 9.95 51.41 21.52
C ASP E 191 9.66 51.49 23.01
N TYR E 192 10.40 50.76 23.84
CA TYR E 192 10.19 50.82 25.28
C TYR E 192 10.56 52.17 25.86
N GLU E 193 11.60 52.81 25.32
CA GLU E 193 12.06 54.10 25.79
C GLU E 193 11.40 55.27 25.08
N LYS E 194 10.45 55.00 24.18
CA LYS E 194 9.68 56.04 23.52
C LYS E 194 8.40 56.39 24.28
N HIS E 195 8.19 55.81 25.46
CA HIS E 195 7.01 56.06 26.27
C HIS E 195 7.42 56.14 27.74
N LYS E 196 6.50 56.60 28.57
CA LYS E 196 6.77 56.81 29.99
C LYS E 196 5.94 55.93 30.91
N VAL E 197 4.61 55.94 30.76
CA VAL E 197 3.71 55.27 31.69
C VAL E 197 3.22 53.97 31.08
N TYR E 198 3.39 52.87 31.81
CA TYR E 198 2.92 51.55 31.41
C TYR E 198 1.89 51.09 32.43
N ALA E 199 0.68 50.79 31.98
CA ALA E 199 -0.41 50.44 32.86
C ALA E 199 -1.03 49.11 32.43
N CYS E 200 -1.56 48.39 33.41
CA CYS E 200 -2.18 47.08 33.20
C CYS E 200 -3.65 47.17 33.61
N GLU E 201 -4.54 47.33 32.63
CA GLU E 201 -5.97 47.38 32.90
C GLU E 201 -6.49 45.98 33.15
N VAL E 202 -7.21 45.79 34.24
CA VAL E 202 -7.74 44.49 34.65
C VAL E 202 -9.24 44.61 34.86
N THR E 203 -10.01 43.69 34.27
CA THR E 203 -11.45 43.64 34.45
C THR E 203 -11.84 42.26 34.93
N HIS E 204 -12.63 42.21 36.00
CA HIS E 204 -13.08 40.95 36.58
C HIS E 204 -14.39 41.20 37.32
N GLN E 205 -15.15 40.13 37.53
CA GLN E 205 -16.42 40.23 38.22
C GLN E 205 -16.27 40.38 39.73
N GLY E 206 -15.06 40.18 40.26
CA GLY E 206 -14.87 40.36 41.69
C GLY E 206 -15.10 41.78 42.15
N LEU E 207 -14.65 42.75 41.37
CA LEU E 207 -14.87 44.17 41.63
C LEU E 207 -15.40 44.84 40.38
N SER E 208 -16.46 45.63 40.53
CA SER E 208 -17.06 46.30 39.38
C SER E 208 -16.08 47.29 38.75
N SER E 209 -15.37 48.05 39.57
CA SER E 209 -14.44 49.04 39.06
C SER E 209 -13.16 48.37 38.57
N PRO E 210 -12.75 48.58 37.32
CA PRO E 210 -11.47 48.02 36.86
C PRO E 210 -10.30 48.55 37.68
N VAL E 211 -9.33 47.68 37.92
CA VAL E 211 -8.15 48.00 38.71
C VAL E 211 -6.97 48.20 37.77
N THR E 212 -6.27 49.33 37.93
CA THR E 212 -5.14 49.68 37.08
C THR E 212 -3.87 49.72 37.92
N LYS E 213 -2.86 48.98 37.50
CA LYS E 213 -1.53 49.01 38.08
C LYS E 213 -0.56 49.56 37.04
N SER E 214 0.20 50.59 37.42
CA SER E 214 1.05 51.29 36.47
C SER E 214 2.37 51.67 37.12
N PHE E 215 3.34 52.01 36.27
CA PHE E 215 4.64 52.46 36.71
C PHE E 215 5.24 53.40 35.67
N ASN E 216 6.26 54.14 36.08
CA ASN E 216 6.97 55.06 35.20
C ASN E 216 8.39 54.57 35.00
N ARG E 217 8.85 54.60 33.75
CA ARG E 217 10.19 54.15 33.40
C ARG E 217 11.27 55.04 34.01
#